data_4A23
#
_entry.id   4A23
#
_cell.length_a   78.923
_cell.length_b   111.828
_cell.length_c   226.999
_cell.angle_alpha   90.00
_cell.angle_beta   90.00
_cell.angle_gamma   90.00
#
_symmetry.space_group_name_H-M   'P 21 21 21'
#
loop_
_entity.id
_entity.type
_entity.pdbx_description
1 polymer ACETYLCHOLINESTERASE
2 non-polymer 4-(DIMETHYLAMINO)-N-{[(2R)-1-ETHYLPYRROLIDIN-2-YL]METHYL}-2-METHOXY-5-NITROBENZAMIDE
3 non-polymer 4-(DIMETHYLAMINO)-N-{[(2S)-1-ETHYLPYRROLIDIN-2-YL]METHYL}-2-METHOXY-5-NITROBENZAMIDE
4 non-polymer DI(HYDROXYETHYL)ETHER
5 non-polymer 2-{2-[2-(2-{2-[2-(2-ETHOXY-ETHOXY)-ETHOXY]-ETHOXY}-ETHOXY)-ETHOXY]-ETHOXY}-ETHANOL
6 water water
#
_entity_poly.entity_id   1
_entity_poly.type   'polypeptide(L)'
_entity_poly.pdbx_seq_one_letter_code
;EGREDPQLLVRVRGGQLRGIRLKAPGGPVSAFLGIPFAEPPVGSRRFMPPEPKRPWSGVLDATTFQNVCYQYVDTLYPGF
EGTEMWNPNRELSEDCLYLNVWTPYPRPASPTPVLIWIYGGGFYSGAASLDVYDGRFLAQVEGAVLVSMNYRVGTFGFLA
LPGSREAPGNVGLLDQRLALQWVQENIAAFGGDPMSVTLFGESAGAASVGMHILSLPSRSLFHRAVLQSGTPNGPWATVS
AGEARRRATLLARLVGCPPGGAGGNDTELIACLRTRPAQDLVDHEWHVLPQESIFRFSFVPVVDGDFLSDTPEALINTGD
FQDLQVLVGVVKDEGSYFLVYGVPGFSKDNESLISRAQFLAGVRIGVPQASDLAAEAVVLHYTDWLHPEDPTHLRDAMSA
VVGDHNVVCPVAQLAGRLAAQGARVYAYIFEHRASTLTWPLWMGVPHGYEIEFIFGLPLDPSLNYTTEERIFAQRLMKYW
TNFARTGDPNDPRDSKSPQWPPYTTAAQQYVSLNLKPLEVRRGLRAQTCAFWNRFLPKLLSATATEAP
;
_entity_poly.pdbx_strand_id   A,B
#
loop_
_chem_comp.id
_chem_comp.type
_chem_comp.name
_chem_comp.formula
C56 non-polymer 4-(DIMETHYLAMINO)-N-{[(2R)-1-ETHYLPYRROLIDIN-2-YL]METHYL}-2-METHOXY-5-NITROBENZAMIDE 'C17 H26 N4 O4'
C57 non-polymer 4-(DIMETHYLAMINO)-N-{[(2S)-1-ETHYLPYRROLIDIN-2-YL]METHYL}-2-METHOXY-5-NITROBENZAMIDE 'C17 H26 N4 O4'
PE4 non-polymer 2-{2-[2-(2-{2-[2-(2-ETHOXY-ETHOXY)-ETHOXY]-ETHOXY}-ETHOXY)-ETHOXY]-ETHOXY}-ETHANOL 'C16 H34 O8'
PEG non-polymer DI(HYDROXYETHYL)ETHER 'C4 H10 O3'
#
# COMPACT_ATOMS: atom_id res chain seq x y z
N GLU A 1 4.07 67.08 14.77
CA GLU A 1 5.16 66.50 15.55
C GLU A 1 5.80 67.57 16.42
N GLY A 2 6.98 67.28 16.95
CA GLY A 2 7.66 68.23 17.81
C GLY A 2 8.26 67.52 19.00
N ARG A 3 7.41 66.84 19.76
CA ARG A 3 7.86 66.18 20.98
C ARG A 3 7.64 64.66 20.95
N GLU A 4 7.47 64.11 19.76
CA GLU A 4 7.31 62.68 19.58
C GLU A 4 8.65 62.03 19.28
N ASP A 5 8.67 60.71 19.34
CA ASP A 5 9.86 59.93 19.02
C ASP A 5 10.13 60.03 17.53
N PRO A 6 11.20 60.75 17.14
CA PRO A 6 11.49 61.04 15.73
C PRO A 6 11.74 59.77 14.91
N GLN A 7 11.97 58.64 15.58
N GLN A 7 11.93 58.65 15.61
CA GLN A 7 12.26 57.39 14.87
CA GLN A 7 12.27 57.42 14.95
C GLN A 7 10.99 56.66 14.43
C GLN A 7 11.02 56.57 14.68
N LEU A 8 9.84 57.17 14.86
CA LEU A 8 8.56 56.48 14.63
C LEU A 8 7.69 57.20 13.63
N LEU A 9 8.24 58.18 12.93
CA LEU A 9 7.46 58.94 11.98
C LEU A 9 7.93 58.59 10.59
N VAL A 10 7.01 58.13 9.75
CA VAL A 10 7.37 57.65 8.42
C VAL A 10 6.30 58.10 7.41
N ARG A 11 6.71 58.35 6.18
CA ARG A 11 5.74 58.68 5.15
C ARG A 11 5.70 57.56 4.13
N VAL A 12 4.50 57.15 3.74
CA VAL A 12 4.32 56.23 2.62
C VAL A 12 3.45 56.92 1.57
N ARG A 13 3.25 56.27 0.42
CA ARG A 13 2.56 56.87 -0.73
C ARG A 13 1.23 57.56 -0.37
N GLY A 14 0.51 57.03 0.61
CA GLY A 14 -0.76 57.60 1.00
C GLY A 14 -0.72 58.67 2.07
N GLY A 15 0.46 58.92 2.64
CA GLY A 15 0.58 59.91 3.70
C GLY A 15 1.50 59.55 4.85
N GLN A 16 1.37 60.28 5.96
CA GLN A 16 2.28 60.17 7.09
C GLN A 16 1.76 59.21 8.14
N LEU A 17 2.67 58.44 8.74
CA LEU A 17 2.33 57.44 9.74
C LEU A 17 3.09 57.71 11.02
N ARG A 18 2.45 57.44 12.14
CA ARG A 18 3.14 57.37 13.42
C ARG A 18 3.03 55.95 13.96
N GLY A 19 4.18 55.30 14.12
CA GLY A 19 4.21 53.96 14.69
C GLY A 19 4.45 53.97 16.19
N ILE A 20 4.72 52.78 16.73
CA ILE A 20 4.94 52.62 18.17
C ILE A 20 6.21 51.80 18.44
N ARG A 21 6.91 52.15 19.50
CA ARG A 21 8.10 51.46 19.94
C ARG A 21 7.66 50.33 20.87
N LEU A 22 7.88 49.08 20.46
CA LEU A 22 7.48 47.93 21.26
C LEU A 22 8.68 47.28 21.94
N LYS A 23 8.47 46.70 23.12
CA LYS A 23 9.51 45.92 23.78
C LYS A 23 9.54 44.46 23.33
N ALA A 24 10.71 44.01 22.87
CA ALA A 24 10.97 42.60 22.68
C ALA A 24 11.99 42.20 23.72
N PRO A 25 12.06 40.89 24.05
CA PRO A 25 12.96 40.40 25.11
C PRO A 25 14.34 41.05 25.06
N GLY A 26 14.92 41.16 23.87
CA GLY A 26 16.28 41.67 23.75
C GLY A 26 16.42 43.14 23.37
N GLY A 27 15.33 43.89 23.37
CA GLY A 27 15.38 45.30 22.99
C GLY A 27 14.14 45.78 22.25
N PRO A 28 14.10 47.07 21.90
CA PRO A 28 12.91 47.65 21.26
C PRO A 28 12.79 47.29 19.79
N VAL A 29 11.57 47.32 19.25
CA VAL A 29 11.36 47.22 17.80
C VAL A 29 10.40 48.31 17.40
N SER A 30 10.38 48.68 16.11
CA SER A 30 9.41 49.63 15.59
C SER A 30 8.20 48.86 15.04
N ALA A 31 6.99 49.27 15.41
CA ALA A 31 5.82 48.66 14.81
C ALA A 31 4.90 49.71 14.19
N PHE A 32 4.40 49.42 12.99
CA PHE A 32 3.43 50.27 12.31
C PHE A 32 2.24 49.43 11.98
N LEU A 33 1.20 49.55 12.81
CA LEU A 33 0.06 48.65 12.76
C LEU A 33 -1.19 49.34 12.22
N GLY A 34 -2.02 48.57 11.52
CA GLY A 34 -3.25 49.08 10.94
C GLY A 34 -3.05 50.12 9.85
N ILE A 35 -2.08 49.90 8.97
CA ILE A 35 -1.91 50.76 7.80
C ILE A 35 -2.88 50.34 6.70
N PRO A 36 -3.74 51.25 6.25
CA PRO A 36 -4.73 50.94 5.21
C PRO A 36 -4.05 50.81 3.85
N PHE A 37 -4.34 49.75 3.10
CA PHE A 37 -3.75 49.61 1.77
C PHE A 37 -4.83 49.55 0.66
N ALA A 38 -6.09 49.58 1.06
CA ALA A 38 -7.20 49.57 0.11
C ALA A 38 -8.32 50.48 0.59
N GLU A 39 -9.17 50.91 -0.33
CA GLU A 39 -10.42 51.54 0.08
C GLU A 39 -11.24 50.45 0.75
N PRO A 40 -11.93 50.79 1.86
CA PRO A 40 -12.78 49.81 2.54
C PRO A 40 -13.73 49.12 1.56
N PRO A 41 -13.69 47.77 1.48
CA PRO A 41 -14.52 47.06 0.51
C PRO A 41 -15.95 46.88 1.04
N VAL A 42 -16.58 48.00 1.38
CA VAL A 42 -17.90 47.96 1.97
C VAL A 42 -18.98 48.40 0.99
N GLY A 43 -20.24 48.11 1.32
CA GLY A 43 -21.37 48.54 0.54
C GLY A 43 -21.37 48.03 -0.89
N SER A 44 -21.36 48.95 -1.85
CA SER A 44 -21.37 48.56 -3.25
C SER A 44 -20.06 47.89 -3.66
N ARG A 45 -19.06 47.94 -2.77
CA ARG A 45 -17.76 47.34 -3.06
C ARG A 45 -17.60 45.90 -2.53
N ARG A 46 -18.60 45.40 -1.79
CA ARG A 46 -18.59 44.00 -1.38
C ARG A 46 -18.52 43.07 -2.58
N PHE A 47 -17.67 42.05 -2.48
CA PHE A 47 -17.42 41.04 -3.54
C PHE A 47 -16.56 41.57 -4.68
N MET A 48 -16.23 42.86 -4.63
CA MET A 48 -15.42 43.51 -5.68
C MET A 48 -13.92 43.48 -5.39
N PRO A 49 -13.11 43.47 -6.47
CA PRO A 49 -11.66 43.63 -6.34
C PRO A 49 -11.33 44.87 -5.51
N PRO A 50 -10.24 44.82 -4.74
CA PRO A 50 -9.91 45.99 -3.91
C PRO A 50 -9.42 47.14 -4.79
N GLU A 51 -9.69 48.36 -4.35
CA GLU A 51 -9.13 49.55 -4.95
C GLU A 51 -8.07 50.11 -4.00
N PRO A 52 -6.95 50.58 -4.56
CA PRO A 52 -5.90 51.14 -3.70
C PRO A 52 -6.42 52.25 -2.80
N LYS A 53 -5.95 52.28 -1.55
CA LYS A 53 -6.34 53.29 -0.59
C LYS A 53 -5.97 54.68 -1.11
N ARG A 54 -6.89 55.62 -0.95
CA ARG A 54 -6.66 56.99 -1.39
C ARG A 54 -5.96 57.77 -0.28
N PRO A 55 -5.00 58.65 -0.65
CA PRO A 55 -4.17 59.34 0.34
C PRO A 55 -5.00 59.99 1.42
N TRP A 56 -4.45 60.07 2.62
CA TRP A 56 -5.13 60.71 3.73
C TRP A 56 -4.35 61.96 4.12
N SER A 57 -4.96 62.82 4.92
CA SER A 57 -4.26 64.02 5.35
C SER A 57 -3.88 63.88 6.81
N GLY A 58 -2.80 64.53 7.19
CA GLY A 58 -2.35 64.51 8.56
C GLY A 58 -1.58 63.23 8.83
N VAL A 59 -1.34 62.95 10.11
CA VAL A 59 -0.57 61.80 10.51
C VAL A 59 -1.52 60.69 10.95
N LEU A 60 -1.53 59.61 10.18
CA LEU A 60 -2.31 58.45 10.54
C LEU A 60 -1.65 57.74 11.73
N ASP A 61 -2.41 57.56 12.81
CA ASP A 61 -1.89 56.81 13.94
C ASP A 61 -1.86 55.31 13.62
N ALA A 62 -0.67 54.71 13.73
CA ALA A 62 -0.46 53.33 13.35
C ALA A 62 0.08 52.55 14.54
N THR A 63 -0.60 52.67 15.67
CA THR A 63 -0.08 52.07 16.92
C THR A 63 -0.91 50.89 17.44
N THR A 64 -1.98 50.54 16.73
CA THR A 64 -2.84 49.44 17.14
C THR A 64 -3.34 48.66 15.94
N PHE A 65 -3.50 47.36 16.14
CA PHE A 65 -4.10 46.53 15.10
C PHE A 65 -5.47 47.05 14.67
N GLN A 66 -5.75 46.94 13.39
CA GLN A 66 -7.05 47.33 12.87
C GLN A 66 -8.06 46.17 12.88
N ASN A 67 -9.28 46.47 12.43
CA ASN A 67 -10.36 45.48 12.43
C ASN A 67 -9.95 44.15 11.82
N VAL A 68 -10.53 43.07 12.33
CA VAL A 68 -10.46 41.77 11.68
C VAL A 68 -11.57 41.63 10.62
N CYS A 69 -11.25 40.99 9.51
CA CYS A 69 -12.20 40.80 8.42
C CYS A 69 -13.38 39.94 8.85
N TYR A 70 -14.57 40.35 8.45
CA TYR A 70 -15.77 39.67 8.92
C TYR A 70 -15.66 38.17 8.71
N GLN A 71 -15.91 37.40 9.77
CA GLN A 71 -15.73 35.96 9.68
C GLN A 71 -16.50 35.15 10.72
N TYR A 72 -16.63 33.85 10.42
CA TYR A 72 -17.18 32.90 11.35
C TYR A 72 -16.28 32.81 12.59
N VAL A 73 -16.89 32.86 13.78
CA VAL A 73 -16.14 32.68 15.03
C VAL A 73 -16.35 31.27 15.60
N ASP A 74 -15.24 30.59 15.89
CA ASP A 74 -15.26 29.21 16.36
C ASP A 74 -15.80 29.09 17.77
N THR A 75 -16.79 28.23 17.96
CA THR A 75 -17.41 28.05 19.27
C THR A 75 -17.49 26.58 19.70
N LEU A 76 -16.72 25.72 19.05
CA LEU A 76 -16.69 24.29 19.39
C LEU A 76 -16.36 24.06 20.86
N TYR A 77 -15.30 24.70 21.37
CA TYR A 77 -14.96 24.62 22.79
C TYR A 77 -14.75 26.00 23.39
N PRO A 78 -15.86 26.68 23.69
CA PRO A 78 -15.84 28.07 24.18
C PRO A 78 -14.94 28.27 25.40
N GLY A 79 -14.03 29.24 25.33
CA GLY A 79 -13.15 29.57 26.44
C GLY A 79 -11.85 28.78 26.45
N PHE A 80 -11.79 27.76 25.60
CA PHE A 80 -10.62 26.89 25.51
C PHE A 80 -9.52 27.61 24.71
N GLU A 81 -8.34 27.73 25.30
CA GLU A 81 -7.23 28.47 24.68
C GLU A 81 -6.86 27.88 23.32
N GLY A 82 -6.97 26.56 23.19
CA GLY A 82 -6.62 25.89 21.96
C GLY A 82 -7.44 26.34 20.77
N THR A 83 -8.70 26.69 21.00
CA THR A 83 -9.50 27.29 19.95
C THR A 83 -9.45 28.83 19.97
N GLU A 84 -9.39 29.44 21.14
CA GLU A 84 -9.53 30.89 21.22
C GLU A 84 -8.34 31.63 20.61
N MET A 85 -7.16 31.03 20.66
CA MET A 85 -5.96 31.64 20.10
C MET A 85 -6.11 31.96 18.61
N TRP A 86 -6.99 31.24 17.91
CA TRP A 86 -7.20 31.47 16.49
C TRP A 86 -8.38 32.42 16.16
N ASN A 87 -9.17 32.75 17.17
CA ASN A 87 -10.35 33.61 16.98
C ASN A 87 -9.98 35.10 16.85
N PRO A 88 -10.86 35.90 16.23
CA PRO A 88 -10.61 37.35 16.10
C PRO A 88 -10.30 38.03 17.44
N ASN A 89 -9.33 38.93 17.45
CA ASN A 89 -8.91 39.60 18.67
C ASN A 89 -9.10 41.10 18.53
N ARG A 90 -9.81 41.50 17.48
CA ARG A 90 -10.26 42.88 17.32
CA ARG A 90 -10.24 42.88 17.27
C ARG A 90 -11.66 42.82 16.73
N GLU A 91 -12.33 43.96 16.71
CA GLU A 91 -13.67 44.03 16.16
C GLU A 91 -13.78 43.48 14.73
N LEU A 92 -14.83 42.72 14.47
CA LEU A 92 -15.13 42.26 13.11
C LEU A 92 -15.70 43.40 12.29
N SER A 93 -15.29 43.48 11.03
CA SER A 93 -15.79 44.52 10.13
C SER A 93 -15.45 44.19 8.68
N GLU A 94 -16.28 44.64 7.74
CA GLU A 94 -15.92 44.51 6.34
C GLU A 94 -14.85 45.55 6.01
N ASP A 95 -14.73 46.56 6.87
CA ASP A 95 -13.68 47.56 6.74
C ASP A 95 -12.45 47.03 7.48
N CYS A 96 -11.62 46.28 6.75
CA CYS A 96 -10.61 45.43 7.38
C CYS A 96 -9.31 45.32 6.58
N LEU A 97 -9.23 46.02 5.46
CA LEU A 97 -8.05 45.92 4.61
C LEU A 97 -6.89 46.80 5.11
N TYR A 98 -6.15 46.28 6.08
CA TYR A 98 -5.04 47.00 6.71
C TYR A 98 -3.89 46.05 6.82
N LEU A 99 -2.68 46.59 6.90
CA LEU A 99 -1.50 45.74 7.04
C LEU A 99 -0.58 46.26 8.14
N ASN A 100 0.41 45.44 8.48
CA ASN A 100 1.28 45.70 9.62
C ASN A 100 2.75 45.55 9.26
N VAL A 101 3.59 46.38 9.87
CA VAL A 101 5.02 46.35 9.60
C VAL A 101 5.79 46.41 10.92
N TRP A 102 6.69 45.44 11.11
CA TRP A 102 7.64 45.49 12.22
C TRP A 102 9.01 45.63 11.60
N THR A 103 9.88 46.39 12.25
CA THR A 103 11.26 46.57 11.78
C THR A 103 12.11 46.76 13.02
N PRO A 104 13.43 46.55 12.89
CA PRO A 104 14.36 46.90 13.97
C PRO A 104 14.16 48.34 14.42
N TYR A 105 14.60 48.65 15.64
CA TYR A 105 14.57 50.01 16.17
C TYR A 105 15.95 50.36 16.71
N PRO A 106 16.58 51.40 16.14
CA PRO A 106 16.03 52.25 15.08
C PRO A 106 15.97 51.47 13.79
N ARG A 107 15.27 51.98 12.78
CA ARG A 107 15.10 51.26 11.51
C ARG A 107 16.46 50.99 10.89
N PRO A 108 16.55 49.95 10.04
CA PRO A 108 17.81 49.48 9.46
C PRO A 108 18.54 50.54 8.62
N ALA A 109 19.87 50.43 8.62
CA ALA A 109 20.75 51.32 7.84
C ALA A 109 20.68 50.98 6.36
N SER A 110 21.15 49.79 6.01
CA SER A 110 21.08 49.28 4.65
C SER A 110 19.74 48.55 4.41
N PRO A 111 19.35 48.38 3.14
CA PRO A 111 18.07 47.71 2.83
C PRO A 111 18.03 46.26 3.27
N THR A 112 16.99 45.92 4.03
CA THR A 112 16.88 44.62 4.67
C THR A 112 15.84 43.72 3.99
N PRO A 113 16.20 42.45 3.79
CA PRO A 113 15.25 41.45 3.27
C PRO A 113 13.92 41.49 4.02
N VAL A 114 12.83 41.38 3.28
CA VAL A 114 11.49 41.52 3.82
C VAL A 114 10.76 40.18 3.86
N LEU A 115 10.16 39.84 5.01
CA LEU A 115 9.30 38.67 5.10
C LEU A 115 7.85 39.13 5.10
N ILE A 116 7.02 38.54 4.24
CA ILE A 116 5.58 38.85 4.24
C ILE A 116 4.76 37.64 4.66
N TRP A 117 4.07 37.77 5.81
CA TRP A 117 3.24 36.68 6.32
C TRP A 117 1.81 36.70 5.78
N ILE A 118 1.34 35.55 5.33
CA ILE A 118 -0.05 35.38 4.94
C ILE A 118 -0.74 34.34 5.82
N TYR A 119 -1.63 34.78 6.71
CA TYR A 119 -2.26 33.83 7.66
C TYR A 119 -3.14 32.79 7.00
N GLY A 120 -3.28 31.66 7.70
CA GLY A 120 -4.22 30.61 7.31
C GLY A 120 -5.55 30.77 8.02
N GLY A 121 -6.42 29.76 7.87
CA GLY A 121 -7.74 29.78 8.47
C GLY A 121 -8.80 29.31 7.49
N GLY A 122 -8.43 28.37 6.63
CA GLY A 122 -9.35 27.74 5.70
C GLY A 122 -10.00 28.69 4.69
N PHE A 123 -9.41 29.86 4.50
CA PHE A 123 -9.98 30.93 3.67
C PHE A 123 -11.31 31.49 4.23
N TYR A 124 -11.71 31.05 5.43
CA TYR A 124 -12.95 31.55 6.03
C TYR A 124 -12.68 32.32 7.33
N SER A 125 -11.43 32.34 7.76
CA SER A 125 -11.08 33.02 9.01
C SER A 125 -9.62 33.41 9.00
N GLY A 126 -9.18 34.04 10.10
CA GLY A 126 -7.80 34.46 10.25
C GLY A 126 -7.66 35.96 10.39
N ALA A 127 -6.49 36.40 10.85
CA ALA A 127 -6.22 37.82 11.03
C ALA A 127 -4.74 37.97 11.23
N ALA A 128 -4.19 39.12 10.83
CA ALA A 128 -2.77 39.33 10.93
C ALA A 128 -2.43 39.79 12.34
N SER A 129 -3.46 40.04 13.15
CA SER A 129 -3.25 40.60 14.48
C SER A 129 -3.16 39.56 15.60
N LEU A 130 -3.28 38.27 15.27
CA LEU A 130 -3.16 37.23 16.30
C LEU A 130 -1.78 37.21 16.97
N ASP A 131 -1.77 36.81 18.25
CA ASP A 131 -0.53 36.70 19.02
C ASP A 131 0.53 35.80 18.39
N VAL A 132 0.13 34.66 17.82
CA VAL A 132 1.10 33.75 17.25
C VAL A 132 1.78 34.34 16.01
N TYR A 133 1.26 35.45 15.49
CA TYR A 133 1.86 36.09 14.32
C TYR A 133 2.65 37.35 14.68
N ASP A 134 2.90 37.55 15.96
CA ASP A 134 3.64 38.72 16.45
C ASP A 134 5.03 38.84 15.77
N GLY A 135 5.23 39.92 15.01
CA GLY A 135 6.46 40.08 14.27
C GLY A 135 7.66 40.60 15.05
N ARG A 136 7.47 40.94 16.32
CA ARG A 136 8.53 41.61 17.08
C ARG A 136 9.82 40.79 17.27
N PHE A 137 9.70 39.47 17.43
CA PHE A 137 10.87 38.61 17.68
C PHE A 137 11.76 38.46 16.46
N LEU A 138 11.17 38.24 15.29
CA LEU A 138 11.95 38.13 14.06
C LEU A 138 12.61 39.48 13.75
N ALA A 139 11.88 40.56 13.99
CA ALA A 139 12.42 41.90 13.75
C ALA A 139 13.60 42.21 14.69
N GLN A 140 13.45 41.87 15.97
CA GLN A 140 14.48 42.19 16.97
C GLN A 140 15.68 41.26 16.89
N VAL A 141 15.43 39.96 16.83
CA VAL A 141 16.52 39.00 16.91
C VAL A 141 17.24 38.82 15.57
N GLU A 142 16.49 38.80 14.48
CA GLU A 142 17.09 38.60 13.17
C GLU A 142 17.23 39.89 12.35
N GLY A 143 16.69 41.00 12.87
CA GLY A 143 16.71 42.25 12.13
C GLY A 143 15.85 42.24 10.89
N ALA A 144 14.86 41.35 10.84
CA ALA A 144 13.97 41.26 9.68
C ALA A 144 13.01 42.44 9.59
N VAL A 145 12.61 42.76 8.38
CA VAL A 145 11.44 43.61 8.19
C VAL A 145 10.29 42.66 7.91
N LEU A 146 9.27 42.71 8.76
CA LEU A 146 8.16 41.78 8.65
C LEU A 146 6.87 42.52 8.37
N VAL A 147 6.15 42.03 7.37
CA VAL A 147 4.87 42.59 6.97
C VAL A 147 3.80 41.52 7.01
N SER A 148 2.64 41.85 7.55
CA SER A 148 1.49 40.97 7.44
C SER A 148 0.26 41.78 7.06
N MET A 149 -0.62 41.19 6.26
CA MET A 149 -1.83 41.92 5.85
C MET A 149 -3.10 41.16 6.17
N ASN A 150 -4.17 41.89 6.45
CA ASN A 150 -5.49 41.28 6.48
C ASN A 150 -5.96 41.12 5.04
N TYR A 151 -6.69 40.05 4.75
CA TYR A 151 -7.33 39.89 3.46
C TYR A 151 -8.71 39.30 3.67
N ARG A 152 -9.66 39.66 2.82
CA ARG A 152 -11.03 39.18 3.01
C ARG A 152 -11.14 37.65 2.96
N VAL A 153 -11.96 37.12 3.85
CA VAL A 153 -12.19 35.68 3.89
C VAL A 153 -13.68 35.40 3.77
N GLY A 154 -14.01 34.12 3.63
CA GLY A 154 -15.38 33.69 3.52
C GLY A 154 -16.05 34.21 2.26
N THR A 155 -17.35 34.49 2.36
CA THR A 155 -18.09 35.00 1.22
C THR A 155 -17.45 36.30 0.73
N PHE A 156 -17.16 37.20 1.66
CA PHE A 156 -16.61 38.52 1.33
C PHE A 156 -15.38 38.44 0.48
N GLY A 157 -14.61 37.36 0.65
CA GLY A 157 -13.36 37.25 -0.05
C GLY A 157 -13.40 36.31 -1.23
N PHE A 158 -14.37 35.41 -1.27
CA PHE A 158 -14.30 34.31 -2.22
C PHE A 158 -15.61 33.90 -2.88
N LEU A 159 -16.73 34.49 -2.45
CA LEU A 159 -17.97 34.22 -3.13
C LEU A 159 -17.83 34.63 -4.59
N ALA A 160 -18.13 33.72 -5.50
CA ALA A 160 -17.93 33.98 -6.91
C ALA A 160 -19.10 33.52 -7.79
N LEU A 161 -19.52 34.42 -8.68
CA LEU A 161 -20.34 34.03 -9.81
C LEU A 161 -19.45 34.21 -11.02
N PRO A 162 -18.69 33.18 -11.37
CA PRO A 162 -17.63 33.30 -12.37
C PRO A 162 -18.12 33.91 -13.69
N GLY A 163 -17.34 34.83 -14.24
CA GLY A 163 -17.72 35.53 -15.45
C GLY A 163 -18.46 36.83 -15.20
N SER A 164 -19.07 36.98 -14.02
CA SER A 164 -19.78 38.22 -13.71
C SER A 164 -18.81 39.37 -13.45
N ARG A 165 -19.34 40.59 -13.43
CA ARG A 165 -18.54 41.76 -13.16
C ARG A 165 -18.58 42.08 -11.66
N GLU A 166 -19.68 41.73 -11.03
CA GLU A 166 -19.93 42.08 -9.64
C GLU A 166 -19.42 41.09 -8.59
N ALA A 167 -18.97 39.91 -9.02
CA ALA A 167 -18.44 38.89 -8.12
C ALA A 167 -17.54 37.95 -8.88
N PRO A 168 -16.39 38.47 -9.34
CA PRO A 168 -15.48 37.77 -10.25
C PRO A 168 -14.76 36.61 -9.55
N GLY A 169 -14.75 36.61 -8.22
CA GLY A 169 -14.03 35.59 -7.48
C GLY A 169 -12.60 35.97 -7.11
N ASN A 170 -12.00 35.20 -6.20
CA ASN A 170 -10.63 35.41 -5.77
C ASN A 170 -10.27 36.83 -5.26
N VAL A 171 -11.24 37.65 -4.90
CA VAL A 171 -10.91 39.01 -4.46
C VAL A 171 -10.04 39.03 -3.20
N GLY A 172 -10.18 38.01 -2.36
CA GLY A 172 -9.31 37.87 -1.20
C GLY A 172 -7.86 37.70 -1.59
N LEU A 173 -7.63 37.00 -2.70
CA LEU A 173 -6.28 36.85 -3.23
C LEU A 173 -5.74 38.17 -3.81
N LEU A 174 -6.64 38.96 -4.42
CA LEU A 174 -6.29 40.28 -4.94
C LEU A 174 -6.00 41.26 -3.80
N ASP A 175 -6.65 41.09 -2.64
CA ASP A 175 -6.29 41.87 -1.45
C ASP A 175 -4.82 41.60 -1.10
N GLN A 176 -4.46 40.31 -1.06
CA GLN A 176 -3.08 39.94 -0.79
C GLN A 176 -2.14 40.60 -1.80
N ARG A 177 -2.47 40.49 -3.08
CA ARG A 177 -1.61 41.04 -4.14
C ARG A 177 -1.49 42.57 -4.04
N LEU A 178 -2.60 43.24 -3.74
CA LEU A 178 -2.55 44.69 -3.51
C LEU A 178 -1.58 45.04 -2.38
N ALA A 179 -1.54 44.21 -1.34
CA ALA A 179 -0.61 44.44 -0.24
C ALA A 179 0.83 44.15 -0.66
N LEU A 180 1.03 43.20 -1.57
CA LEU A 180 2.38 42.96 -2.07
C LEU A 180 2.84 44.17 -2.89
N GLN A 181 1.91 44.79 -3.61
CA GLN A 181 2.22 45.96 -4.43
C GLN A 181 2.57 47.14 -3.53
N TRP A 182 1.78 47.32 -2.48
CA TRP A 182 2.07 48.28 -1.43
C TRP A 182 3.48 48.09 -0.84
N VAL A 183 3.90 46.84 -0.66
CA VAL A 183 5.24 46.62 -0.14
C VAL A 183 6.30 47.09 -1.16
N GLN A 184 6.05 46.80 -2.44
CA GLN A 184 7.00 47.17 -3.49
C GLN A 184 7.16 48.68 -3.52
N GLU A 185 6.06 49.41 -3.41
CA GLU A 185 6.16 50.85 -3.48
C GLU A 185 6.75 51.47 -2.21
N ASN A 186 6.37 50.93 -1.05
CA ASN A 186 6.55 51.65 0.21
C ASN A 186 7.56 51.12 1.22
N ILE A 187 8.02 49.87 1.06
CA ILE A 187 8.76 49.23 2.14
C ILE A 187 10.16 49.84 2.33
N ALA A 188 10.69 50.45 1.28
CA ALA A 188 11.97 51.12 1.39
C ALA A 188 11.91 52.27 2.40
N ALA A 189 10.73 52.85 2.61
CA ALA A 189 10.59 53.92 3.61
C ALA A 189 10.88 53.41 5.02
N PHE A 190 10.80 52.10 5.22
CA PHE A 190 10.99 51.52 6.54
C PHE A 190 12.37 50.87 6.64
N GLY A 191 13.12 50.91 5.54
CA GLY A 191 14.42 50.27 5.50
C GLY A 191 14.35 48.88 4.90
N GLY A 192 13.17 48.53 4.38
CA GLY A 192 13.01 47.23 3.77
C GLY A 192 13.48 47.24 2.34
N ASP A 193 13.91 46.08 1.85
CA ASP A 193 14.43 45.97 0.49
C ASP A 193 13.41 45.32 -0.44
N PRO A 194 12.79 46.12 -1.32
CA PRO A 194 11.74 45.60 -2.21
C PRO A 194 12.26 44.54 -3.18
N MET A 195 13.58 44.43 -3.31
CA MET A 195 14.16 43.47 -4.23
C MET A 195 14.51 42.14 -3.55
N SER A 196 14.29 42.08 -2.25
CA SER A 196 14.35 40.81 -1.53
C SER A 196 13.10 40.58 -0.66
N VAL A 197 12.06 40.03 -1.27
CA VAL A 197 10.78 39.80 -0.60
C VAL A 197 10.44 38.32 -0.62
N THR A 198 10.32 37.74 0.57
CA THR A 198 9.96 36.33 0.73
C THR A 198 8.54 36.22 1.30
N LEU A 199 7.67 35.49 0.61
CA LEU A 199 6.34 35.20 1.15
C LEU A 199 6.40 33.96 2.04
N PHE A 200 5.81 34.01 3.23
CA PHE A 200 5.54 32.78 3.97
C PHE A 200 4.14 32.76 4.56
N GLY A 201 3.58 31.56 4.70
CA GLY A 201 2.23 31.39 5.22
C GLY A 201 1.95 29.94 5.55
N GLU A 202 0.93 29.71 6.37
CA GLU A 202 0.61 28.36 6.82
C GLU A 202 -0.85 28.03 6.47
N SER A 203 -1.11 26.75 6.19
CA SER A 203 -2.46 26.27 5.84
C SER A 203 -3.00 27.03 4.61
N ALA A 204 -4.12 27.74 4.71
CA ALA A 204 -4.60 28.49 3.56
C ALA A 204 -3.66 29.64 3.16
N GLY A 205 -2.88 30.14 4.13
CA GLY A 205 -1.84 31.14 3.86
C GLY A 205 -0.84 30.53 2.88
N ALA A 206 -0.38 29.31 3.19
CA ALA A 206 0.50 28.54 2.31
C ALA A 206 -0.11 28.31 0.91
N ALA A 207 -1.37 27.89 0.86
CA ALA A 207 -2.03 27.74 -0.43
C ALA A 207 -2.03 29.08 -1.17
N SER A 208 -2.30 30.16 -0.44
CA SER A 208 -2.24 31.52 -1.03
C SER A 208 -0.86 31.78 -1.63
N VAL A 209 0.20 31.48 -0.89
CA VAL A 209 1.56 31.67 -1.39
C VAL A 209 1.75 30.89 -2.68
N GLY A 210 1.25 29.66 -2.70
CA GLY A 210 1.39 28.84 -3.91
C GLY A 210 0.65 29.42 -5.09
N MET A 211 -0.45 30.11 -4.83
CA MET A 211 -1.22 30.68 -5.90
C MET A 211 -0.60 31.95 -6.44
N HIS A 212 0.15 32.66 -5.60
CA HIS A 212 0.92 33.80 -6.08
C HIS A 212 2.06 33.33 -6.98
N ILE A 213 2.67 32.21 -6.64
CA ILE A 213 3.67 31.58 -7.51
C ILE A 213 3.07 31.23 -8.87
N LEU A 214 1.83 30.75 -8.90
CA LEU A 214 1.24 30.30 -10.14
C LEU A 214 0.50 31.41 -10.87
N SER A 215 0.48 32.61 -10.31
CA SER A 215 -0.25 33.69 -10.95
C SER A 215 0.71 34.77 -11.44
N LEU A 216 0.83 34.86 -12.77
CA LEU A 216 1.83 35.72 -13.41
C LEU A 216 1.97 37.12 -12.81
N PRO A 217 0.85 37.86 -12.72
CA PRO A 217 0.94 39.22 -12.17
C PRO A 217 1.55 39.30 -10.76
N SER A 218 1.48 38.23 -9.96
CA SER A 218 2.04 38.30 -8.61
C SER A 218 3.53 38.05 -8.64
N ARG A 219 4.00 37.48 -9.75
CA ARG A 219 5.36 36.94 -9.80
C ARG A 219 6.46 37.99 -9.77
N SER A 220 6.15 39.21 -10.19
CA SER A 220 7.10 40.30 -10.08
C SER A 220 7.05 40.96 -8.70
N LEU A 221 6.27 40.42 -7.76
CA LEU A 221 6.10 41.07 -6.47
C LEU A 221 6.85 40.38 -5.33
N PHE A 222 7.54 39.29 -5.64
CA PHE A 222 8.29 38.57 -4.60
C PHE A 222 9.35 37.70 -5.25
N HIS A 223 10.26 37.14 -4.46
CA HIS A 223 11.41 36.44 -5.02
C HIS A 223 11.58 35.01 -4.49
N ARG A 224 11.12 34.77 -3.27
CA ARG A 224 11.23 33.45 -2.67
C ARG A 224 9.96 33.13 -1.88
N ALA A 225 9.74 31.85 -1.58
CA ALA A 225 8.47 31.44 -1.02
C ALA A 225 8.61 30.29 -0.04
N VAL A 226 7.88 30.41 1.08
CA VAL A 226 7.78 29.36 2.09
C VAL A 226 6.31 28.93 2.24
N LEU A 227 6.03 27.63 2.14
CA LEU A 227 4.69 27.09 2.26
C LEU A 227 4.64 26.07 3.38
N GLN A 228 4.02 26.45 4.48
CA GLN A 228 3.93 25.60 5.66
C GLN A 228 2.56 24.90 5.71
N SER A 229 2.55 23.58 5.57
CA SER A 229 1.33 22.79 5.77
C SER A 229 0.16 23.25 4.88
N GLY A 230 0.45 23.50 3.62
CA GLY A 230 -0.60 23.87 2.69
C GLY A 230 -0.07 24.06 1.28
N THR A 231 -0.95 23.91 0.29
CA THR A 231 -0.52 23.90 -1.11
C THR A 231 -1.66 24.42 -1.96
N PRO A 232 -1.35 25.00 -3.12
CA PRO A 232 -2.45 25.46 -3.97
C PRO A 232 -3.13 24.26 -4.64
N ASN A 233 -2.38 23.19 -4.87
CA ASN A 233 -2.96 21.94 -5.37
C ASN A 233 -3.60 21.22 -4.19
N GLY A 234 -4.30 20.12 -4.45
CA GLY A 234 -4.96 19.37 -3.39
C GLY A 234 -6.47 19.57 -3.39
N PRO A 235 -7.17 18.87 -2.47
CA PRO A 235 -8.63 18.73 -2.52
C PRO A 235 -9.46 19.89 -1.94
N TRP A 236 -8.85 20.84 -1.22
CA TRP A 236 -9.63 21.86 -0.52
C TRP A 236 -9.34 23.31 -0.92
N ALA A 237 -8.18 23.56 -1.53
CA ALA A 237 -7.71 24.94 -1.72
C ALA A 237 -8.38 25.72 -2.87
N THR A 238 -8.95 24.99 -3.83
CA THR A 238 -9.69 25.63 -4.93
C THR A 238 -10.98 24.89 -5.24
N VAL A 239 -11.94 25.58 -5.85
CA VAL A 239 -13.11 24.91 -6.42
C VAL A 239 -13.21 25.28 -7.89
N SER A 240 -13.94 24.48 -8.65
CA SER A 240 -14.19 24.77 -10.07
C SER A 240 -15.12 25.98 -10.18
N ALA A 241 -15.14 26.60 -11.36
CA ALA A 241 -16.06 27.69 -11.62
C ALA A 241 -17.51 27.26 -11.39
N GLY A 242 -17.87 26.08 -11.88
CA GLY A 242 -19.23 25.58 -11.69
C GLY A 242 -19.59 25.36 -10.23
N GLU A 243 -18.64 24.82 -9.46
CA GLU A 243 -18.90 24.54 -8.05
C GLU A 243 -19.04 25.83 -7.27
N ALA A 244 -18.21 26.83 -7.58
CA ALA A 244 -18.33 28.14 -6.92
C ALA A 244 -19.69 28.79 -7.24
N ARG A 245 -20.08 28.75 -8.52
CA ARG A 245 -21.38 29.29 -8.94
C ARG A 245 -22.49 28.62 -8.14
N ARG A 246 -22.45 27.30 -8.11
CA ARG A 246 -23.40 26.50 -7.35
C ARG A 246 -23.47 26.92 -5.87
N ARG A 247 -22.32 27.10 -5.22
CA ARG A 247 -22.31 27.51 -3.81
C ARG A 247 -22.80 28.95 -3.60
N ALA A 248 -22.43 29.84 -4.52
CA ALA A 248 -22.86 31.22 -4.39
C ALA A 248 -24.37 31.31 -4.52
N THR A 249 -24.95 30.59 -5.48
CA THR A 249 -26.38 30.76 -5.69
C THR A 249 -27.17 30.09 -4.58
N LEU A 250 -26.68 28.95 -4.08
CA LEU A 250 -27.32 28.31 -2.92
C LEU A 250 -27.30 29.25 -1.72
N LEU A 251 -26.15 29.86 -1.45
CA LEU A 251 -26.05 30.76 -0.30
C LEU A 251 -27.02 31.93 -0.49
N ALA A 252 -27.07 32.46 -1.70
CA ALA A 252 -28.05 33.50 -2.03
C ALA A 252 -29.45 33.05 -1.64
N ARG A 253 -29.86 31.86 -2.10
CA ARG A 253 -31.19 31.33 -1.73
C ARG A 253 -31.39 31.30 -0.22
N LEU A 254 -30.41 30.79 0.52
CA LEU A 254 -30.56 30.64 1.97
C LEU A 254 -30.78 31.98 2.69
N VAL A 255 -30.39 33.08 2.06
CA VAL A 255 -30.55 34.39 2.70
C VAL A 255 -31.59 35.24 1.97
N GLY A 256 -32.35 34.62 1.07
CA GLY A 256 -33.50 35.25 0.47
C GLY A 256 -33.21 36.14 -0.71
N CYS A 257 -32.41 35.64 -1.65
CA CYS A 257 -31.92 36.46 -2.75
C CYS A 257 -32.06 35.68 -4.04
N ASN A 265 -30.19 36.02 -13.50
CA ASN A 265 -29.30 37.15 -13.79
C ASN A 265 -28.35 37.49 -12.63
N ASP A 266 -27.04 37.45 -12.88
CA ASP A 266 -26.04 37.62 -11.82
C ASP A 266 -26.13 38.97 -11.11
N THR A 267 -26.40 40.02 -11.87
CA THR A 267 -26.42 41.38 -11.32
C THR A 267 -27.45 41.58 -10.21
N GLU A 268 -28.65 41.06 -10.39
CA GLU A 268 -29.70 41.22 -9.37
C GLU A 268 -29.40 40.39 -8.14
N LEU A 269 -28.98 39.15 -8.36
CA LEU A 269 -28.57 38.27 -7.30
C LEU A 269 -27.51 38.93 -6.40
N ILE A 270 -26.44 39.44 -7.02
CA ILE A 270 -25.36 40.03 -6.25
C ILE A 270 -25.81 41.29 -5.58
N ALA A 271 -26.64 42.06 -6.30
CA ALA A 271 -27.16 43.29 -5.75
C ALA A 271 -27.98 42.99 -4.52
N CYS A 272 -28.72 41.89 -4.54
CA CYS A 272 -29.48 41.51 -3.36
C CYS A 272 -28.55 41.06 -2.22
N LEU A 273 -27.55 40.23 -2.55
CA LEU A 273 -26.52 39.85 -1.56
C LEU A 273 -25.87 41.06 -0.89
N ARG A 274 -25.58 42.11 -1.66
CA ARG A 274 -24.97 43.30 -1.09
C ARG A 274 -25.87 44.02 -0.10
N THR A 275 -27.16 43.71 -0.08
CA THR A 275 -28.04 44.32 0.91
C THR A 275 -28.11 43.50 2.21
N ARG A 276 -27.58 42.29 2.20
CA ARG A 276 -27.61 41.45 3.40
C ARG A 276 -26.58 41.90 4.43
N PRO A 277 -26.96 41.86 5.72
CA PRO A 277 -26.02 42.14 6.81
C PRO A 277 -24.88 41.12 6.76
N ALA A 278 -23.65 41.55 7.03
CA ALA A 278 -22.50 40.64 6.99
C ALA A 278 -22.78 39.35 7.77
N GLN A 279 -23.37 39.51 8.95
CA GLN A 279 -23.55 38.37 9.84
C GLN A 279 -24.46 37.30 9.25
N ASP A 280 -25.45 37.71 8.47
CA ASP A 280 -26.34 36.71 7.87
C ASP A 280 -25.59 35.86 6.87
N LEU A 281 -24.63 36.44 6.16
CA LEU A 281 -23.86 35.63 5.21
C LEU A 281 -23.03 34.61 5.97
N VAL A 282 -22.32 35.08 7.00
CA VAL A 282 -21.54 34.21 7.87
C VAL A 282 -22.42 33.08 8.45
N ASP A 283 -23.62 33.42 8.91
CA ASP A 283 -24.51 32.44 9.52
C ASP A 283 -24.90 31.29 8.59
N HIS A 284 -24.79 31.49 7.28
CA HIS A 284 -25.16 30.40 6.37
C HIS A 284 -24.03 29.77 5.60
N GLU A 285 -22.81 30.22 5.83
CA GLU A 285 -21.76 29.83 4.90
C GLU A 285 -21.41 28.34 4.97
N TRP A 286 -21.51 27.72 6.15
CA TRP A 286 -21.25 26.29 6.23
C TRP A 286 -22.30 25.42 5.53
N HIS A 287 -23.48 25.98 5.26
CA HIS A 287 -24.61 25.20 4.74
C HIS A 287 -24.54 24.86 3.25
N VAL A 288 -23.57 25.37 2.52
CA VAL A 288 -23.56 25.16 1.07
C VAL A 288 -22.59 24.06 0.62
N LEU A 289 -21.89 23.43 1.56
CA LEU A 289 -20.98 22.32 1.22
C LEU A 289 -21.73 21.12 0.67
N PRO A 290 -21.16 20.45 -0.34
CA PRO A 290 -21.83 19.37 -1.07
C PRO A 290 -22.03 18.11 -0.24
N GLN A 291 -21.07 17.77 0.62
CA GLN A 291 -21.23 16.61 1.48
C GLN A 291 -20.84 16.94 2.92
N GLU A 292 -21.31 16.10 3.84
CA GLU A 292 -20.81 16.08 5.20
C GLU A 292 -19.30 15.88 5.11
N SER A 293 -18.51 16.72 5.75
CA SER A 293 -17.07 16.65 5.54
C SER A 293 -16.29 17.35 6.61
N ILE A 294 -14.99 17.06 6.69
CA ILE A 294 -14.06 17.93 7.38
C ILE A 294 -12.98 18.39 6.39
N PHE A 295 -12.23 19.42 6.76
CA PHE A 295 -11.18 19.97 5.90
C PHE A 295 -11.74 20.38 4.54
N ARG A 296 -12.97 20.88 4.54
CA ARG A 296 -13.56 21.47 3.34
C ARG A 296 -14.16 22.80 3.75
N PHE A 297 -13.94 23.81 2.91
CA PHE A 297 -14.36 25.16 3.24
C PHE A 297 -15.18 25.70 2.09
N SER A 298 -16.24 26.42 2.42
CA SER A 298 -17.27 26.78 1.44
C SER A 298 -16.79 27.72 0.34
N PHE A 299 -16.10 28.79 0.74
CA PHE A 299 -15.68 29.82 -0.19
C PHE A 299 -14.18 29.99 -0.20
N VAL A 300 -13.58 29.45 -1.27
CA VAL A 300 -12.14 29.40 -1.42
C VAL A 300 -11.76 29.88 -2.83
N PRO A 301 -10.46 30.01 -3.11
CA PRO A 301 -10.10 30.41 -4.48
C PRO A 301 -10.77 29.53 -5.56
N VAL A 302 -11.23 30.22 -6.60
CA VAL A 302 -11.88 29.56 -7.72
C VAL A 302 -10.96 29.58 -8.95
N VAL A 303 -10.99 28.50 -9.72
CA VAL A 303 -10.27 28.41 -10.99
C VAL A 303 -11.05 29.22 -12.05
N ASP A 304 -10.75 30.51 -12.10
CA ASP A 304 -11.50 31.47 -12.90
C ASP A 304 -10.98 31.59 -14.33
N GLY A 305 -9.83 30.98 -14.61
CA GLY A 305 -9.15 31.18 -15.86
C GLY A 305 -8.56 32.59 -15.98
N ASP A 306 -8.49 33.31 -14.87
CA ASP A 306 -7.91 34.66 -14.83
C ASP A 306 -6.75 34.71 -13.83
N PHE A 307 -7.03 34.99 -12.55
CA PHE A 307 -6.01 34.83 -11.50
C PHE A 307 -5.37 33.44 -11.61
N LEU A 308 -6.20 32.40 -11.73
CA LEU A 308 -5.66 31.06 -11.93
C LEU A 308 -6.00 30.60 -13.34
N SER A 309 -5.01 30.61 -14.22
CA SER A 309 -5.27 30.36 -15.64
C SER A 309 -5.78 28.94 -15.92
N ASP A 310 -5.49 28.03 -15.00
CA ASP A 310 -5.91 26.64 -15.09
C ASP A 310 -5.85 26.07 -13.65
N THR A 311 -6.21 24.81 -13.45
CA THR A 311 -6.12 24.23 -12.12
C THR A 311 -4.67 24.29 -11.68
N PRO A 312 -4.45 24.48 -10.37
CA PRO A 312 -3.10 24.41 -9.81
C PRO A 312 -2.39 23.10 -10.18
N GLU A 313 -3.14 22.01 -10.25
CA GLU A 313 -2.55 20.73 -10.67
C GLU A 313 -1.95 20.84 -12.07
N ALA A 314 -2.70 21.43 -13.00
CA ALA A 314 -2.21 21.63 -14.36
C ALA A 314 -1.02 22.58 -14.39
N LEU A 315 -1.10 23.64 -13.61
CA LEU A 315 -0.04 24.66 -13.63
C LEU A 315 1.28 24.18 -13.02
N ILE A 316 1.23 23.38 -11.96
CA ILE A 316 2.48 22.88 -11.38
C ILE A 316 3.05 21.75 -12.22
N ASN A 317 2.18 21.02 -12.90
CA ASN A 317 2.61 19.92 -13.76
C ASN A 317 3.42 20.41 -14.97
N THR A 318 3.14 21.62 -15.43
CA THR A 318 3.67 22.07 -16.71
C THR A 318 4.45 23.37 -16.62
N GLY A 319 4.61 23.91 -15.42
CA GLY A 319 5.31 25.18 -15.29
C GLY A 319 6.82 25.02 -15.27
N ASP A 320 7.52 26.07 -15.68
CA ASP A 320 8.97 26.12 -15.56
C ASP A 320 9.32 26.87 -14.28
N PHE A 321 10.04 26.21 -13.37
CA PHE A 321 10.31 26.83 -12.06
C PHE A 321 11.80 27.04 -11.75
N GLN A 322 12.60 27.25 -12.79
CA GLN A 322 14.03 27.51 -12.64
C GLN A 322 14.31 28.64 -11.65
N ASP A 323 13.51 29.70 -11.75
CA ASP A 323 13.77 30.90 -10.97
C ASP A 323 13.28 30.81 -9.53
N LEU A 324 12.69 29.67 -9.17
CA LEU A 324 12.00 29.55 -7.89
C LEU A 324 12.84 28.91 -6.79
N GLN A 325 12.91 29.60 -5.67
CA GLN A 325 13.44 28.98 -4.46
C GLN A 325 12.32 28.88 -3.44
N VAL A 326 12.15 27.69 -2.89
CA VAL A 326 10.97 27.40 -2.09
C VAL A 326 11.32 26.49 -0.91
N LEU A 327 10.79 26.84 0.25
CA LEU A 327 10.86 26.01 1.44
C LEU A 327 9.43 25.51 1.76
N VAL A 328 9.26 24.20 1.94
CA VAL A 328 7.96 23.61 2.18
C VAL A 328 8.04 22.53 3.24
N GLY A 329 6.95 22.32 3.97
CA GLY A 329 6.96 21.32 5.02
C GLY A 329 5.64 21.04 5.67
N VAL A 330 5.64 20.14 6.65
CA VAL A 330 4.43 19.64 7.28
C VAL A 330 4.71 19.40 8.76
N VAL A 331 3.67 19.29 9.57
CA VAL A 331 3.86 18.94 10.97
C VAL A 331 3.60 17.44 11.11
N LYS A 332 3.98 16.85 12.24
CA LYS A 332 3.87 15.40 12.41
C LYS A 332 2.43 14.91 12.29
N ASP A 333 1.47 15.65 12.84
CA ASP A 333 0.06 15.21 12.86
C ASP A 333 -0.91 16.21 12.24
N GLU A 334 -0.84 16.34 10.91
CA GLU A 334 -1.65 17.31 10.19
C GLU A 334 -3.16 17.14 10.39
N GLY A 335 -3.62 15.89 10.44
CA GLY A 335 -5.04 15.61 10.46
C GLY A 335 -5.75 15.65 11.81
N SER A 336 -5.01 15.51 12.90
CA SER A 336 -5.66 15.26 14.18
C SER A 336 -6.70 16.32 14.61
N TYR A 337 -6.32 17.58 14.50
N TYR A 337 -6.39 17.61 14.52
CA TYR A 337 -7.15 18.74 14.83
CA TYR A 337 -7.36 18.60 15.03
C TYR A 337 -8.55 18.67 14.19
C TYR A 337 -8.64 18.72 14.18
N PHE A 338 -8.58 18.31 12.92
CA PHE A 338 -9.78 18.32 12.09
C PHE A 338 -10.83 17.29 12.47
N LEU A 339 -10.38 16.21 13.10
CA LEU A 339 -11.28 15.11 13.48
C LEU A 339 -12.38 15.54 14.47
N VAL A 340 -12.06 16.44 15.41
CA VAL A 340 -13.05 16.83 16.42
C VAL A 340 -14.12 17.78 15.86
N TYR A 341 -13.94 18.25 14.62
CA TYR A 341 -14.90 19.15 14.00
C TYR A 341 -15.93 18.40 13.14
N GLY A 342 -16.07 17.09 13.35
CA GLY A 342 -17.09 16.37 12.62
C GLY A 342 -16.97 14.87 12.38
N VAL A 343 -15.93 14.22 12.88
CA VAL A 343 -15.92 12.75 12.77
C VAL A 343 -16.46 12.18 14.08
N PRO A 344 -17.62 11.50 14.02
CA PRO A 344 -18.19 10.97 15.26
C PRO A 344 -17.18 10.05 15.93
N GLY A 345 -17.06 10.18 17.26
CA GLY A 345 -16.15 9.36 18.03
C GLY A 345 -14.96 10.15 18.51
N PHE A 346 -14.74 11.33 17.92
CA PHE A 346 -13.57 12.16 18.26
C PHE A 346 -13.91 13.36 19.14
N SER A 347 -13.08 13.58 20.16
CA SER A 347 -13.24 14.73 21.05
C SER A 347 -11.89 15.11 21.65
N LYS A 348 -11.72 16.38 22.00
CA LYS A 348 -10.50 16.78 22.67
C LYS A 348 -10.48 16.30 24.11
N ASP A 349 -11.65 15.95 24.64
CA ASP A 349 -11.80 15.69 26.08
C ASP A 349 -11.68 14.22 26.49
N ASN A 350 -11.41 13.34 25.53
CA ASN A 350 -11.14 11.94 25.84
C ASN A 350 -10.16 11.40 24.80
N GLU A 351 -9.75 10.13 24.96
CA GLU A 351 -8.73 9.52 24.10
C GLU A 351 -9.18 9.26 22.66
N SER A 352 -10.47 9.39 22.41
CA SER A 352 -11.03 9.19 21.08
C SER A 352 -10.64 7.85 20.45
N LEU A 353 -10.55 6.82 21.28
CA LEU A 353 -10.41 5.47 20.75
C LEU A 353 -11.69 5.15 20.00
N ILE A 354 -11.58 4.68 18.77
CA ILE A 354 -12.77 4.46 17.94
C ILE A 354 -12.86 3.02 17.46
N SER A 355 -14.04 2.66 16.97
CA SER A 355 -14.26 1.32 16.48
C SER A 355 -14.01 1.25 14.98
N ARG A 356 -13.91 0.04 14.47
CA ARG A 356 -13.74 -0.12 13.05
C ARG A 356 -14.90 0.53 12.28
N ALA A 357 -16.12 0.43 12.79
CA ALA A 357 -17.25 1.06 12.12
C ALA A 357 -17.13 2.58 12.10
N GLN A 358 -16.69 3.17 13.21
CA GLN A 358 -16.52 4.61 13.26
C GLN A 358 -15.41 5.02 12.30
N PHE A 359 -14.45 4.14 12.08
CA PHE A 359 -13.40 4.40 11.11
C PHE A 359 -13.93 4.43 9.67
N LEU A 360 -14.68 3.41 9.28
CA LEU A 360 -15.29 3.40 7.95
C LEU A 360 -16.14 4.67 7.73
N ALA A 361 -16.92 5.05 8.73
CA ALA A 361 -17.71 6.27 8.62
C ALA A 361 -16.84 7.53 8.53
N GLY A 362 -15.75 7.57 9.31
CA GLY A 362 -14.85 8.72 9.33
C GLY A 362 -14.21 8.97 7.97
N VAL A 363 -13.85 7.87 7.32
CA VAL A 363 -13.26 7.94 5.99
C VAL A 363 -14.22 8.58 4.97
N ARG A 364 -15.51 8.31 5.05
CA ARG A 364 -16.45 8.94 4.12
C ARG A 364 -16.48 10.45 4.34
N ILE A 365 -16.40 10.86 5.60
CA ILE A 365 -16.46 12.27 5.95
C ILE A 365 -15.13 12.99 5.66
N GLY A 366 -14.01 12.30 5.89
CA GLY A 366 -12.70 12.85 5.69
C GLY A 366 -12.22 12.82 4.25
N VAL A 367 -12.81 11.94 3.44
CA VAL A 367 -12.54 11.90 2.02
C VAL A 367 -13.89 12.05 1.33
N PRO A 368 -14.50 13.22 1.48
CA PRO A 368 -15.90 13.41 1.10
C PRO A 368 -16.18 13.19 -0.39
N GLN A 369 -15.18 13.41 -1.23
CA GLN A 369 -15.35 13.23 -2.67
C GLN A 369 -15.15 11.79 -3.17
N ALA A 370 -14.79 10.87 -2.28
CA ALA A 370 -14.54 9.49 -2.70
C ALA A 370 -15.81 8.68 -3.02
N SER A 371 -15.75 7.92 -4.10
CA SER A 371 -16.76 6.91 -4.39
C SER A 371 -16.61 5.78 -3.39
N ASP A 372 -17.50 4.80 -3.44
CA ASP A 372 -17.43 3.69 -2.51
C ASP A 372 -16.16 2.89 -2.70
N LEU A 373 -15.83 2.63 -3.95
CA LEU A 373 -14.63 1.84 -4.24
C LEU A 373 -13.39 2.58 -3.73
N ALA A 374 -13.34 3.89 -3.97
CA ALA A 374 -12.18 4.70 -3.55
C ALA A 374 -12.05 4.71 -2.04
N ALA A 375 -13.19 4.80 -1.35
CA ALA A 375 -13.19 4.83 0.11
C ALA A 375 -12.70 3.49 0.61
N GLU A 376 -13.14 2.45 -0.07
CA GLU A 376 -12.69 1.10 0.17
C GLU A 376 -11.17 0.99 0.05
N ALA A 377 -10.62 1.54 -1.03
CA ALA A 377 -9.17 1.53 -1.21
C ALA A 377 -8.49 2.21 -0.02
N VAL A 378 -9.05 3.35 0.42
CA VAL A 378 -8.47 4.08 1.52
C VAL A 378 -8.46 3.25 2.80
N VAL A 379 -9.60 2.62 3.11
CA VAL A 379 -9.73 1.81 4.32
C VAL A 379 -8.78 0.61 4.27
N LEU A 380 -8.66 -0.01 3.10
CA LEU A 380 -7.76 -1.13 2.91
C LEU A 380 -6.31 -0.75 3.16
N HIS A 381 -5.90 0.37 2.57
CA HIS A 381 -4.54 0.87 2.69
C HIS A 381 -4.14 1.23 4.12
N TYR A 382 -5.05 1.85 4.85
CA TYR A 382 -4.72 2.40 6.15
C TYR A 382 -5.00 1.43 7.28
N THR A 383 -5.79 0.40 7.02
CA THR A 383 -6.01 -0.65 8.02
C THR A 383 -4.70 -1.35 8.36
N ASP A 384 -4.45 -1.58 9.64
CA ASP A 384 -3.36 -2.47 10.03
C ASP A 384 -3.89 -3.92 10.11
N TRP A 385 -3.51 -4.77 9.16
CA TRP A 385 -4.17 -6.06 9.03
C TRP A 385 -3.76 -7.14 10.04
N LEU A 386 -2.76 -6.83 10.86
CA LEU A 386 -2.49 -7.58 12.08
C LEU A 386 -3.42 -7.22 13.24
N HIS A 387 -3.99 -6.02 13.19
CA HIS A 387 -4.86 -5.53 14.26
C HIS A 387 -5.94 -4.63 13.69
N PRO A 388 -6.72 -5.16 12.75
CA PRO A 388 -7.77 -4.39 12.07
C PRO A 388 -8.79 -3.76 13.01
N GLU A 389 -8.85 -4.21 14.26
CA GLU A 389 -9.90 -3.77 15.19
C GLU A 389 -9.39 -2.91 16.34
N ASP A 390 -8.07 -2.71 16.41
CA ASP A 390 -7.50 -1.99 17.53
C ASP A 390 -7.91 -0.49 17.54
N PRO A 391 -8.58 -0.04 18.60
CA PRO A 391 -9.14 1.33 18.61
C PRO A 391 -8.06 2.42 18.56
N THR A 392 -6.90 2.16 19.16
CA THR A 392 -5.82 3.14 19.15
C THR A 392 -5.26 3.29 17.74
N HIS A 393 -5.00 2.16 17.07
CA HIS A 393 -4.52 2.24 15.70
C HIS A 393 -5.53 2.91 14.77
N LEU A 394 -6.81 2.60 14.95
CA LEU A 394 -7.86 3.16 14.12
C LEU A 394 -7.98 4.69 14.32
N ARG A 395 -7.88 5.15 15.55
CA ARG A 395 -7.86 6.57 15.85
C ARG A 395 -6.73 7.27 15.09
N ASP A 396 -5.51 6.74 15.22
CA ASP A 396 -4.35 7.29 14.56
C ASP A 396 -4.43 7.16 13.04
N ALA A 397 -5.08 6.13 12.55
CA ALA A 397 -5.19 5.97 11.10
C ALA A 397 -6.16 7.00 10.52
N MET A 398 -7.23 7.27 11.25
CA MET A 398 -8.21 8.25 10.83
C MET A 398 -7.51 9.61 10.69
N SER A 399 -6.69 9.96 11.68
CA SER A 399 -5.93 11.20 11.64
C SER A 399 -5.00 11.23 10.44
N ALA A 400 -4.30 10.11 10.20
CA ALA A 400 -3.37 10.00 9.10
C ALA A 400 -4.06 10.14 7.74
N VAL A 401 -5.23 9.52 7.60
CA VAL A 401 -6.02 9.66 6.38
C VAL A 401 -6.30 11.12 6.07
N VAL A 402 -6.72 11.87 7.08
CA VAL A 402 -7.08 13.27 6.90
C VAL A 402 -5.88 14.15 6.63
N GLY A 403 -4.78 13.90 7.35
CA GLY A 403 -3.55 14.64 7.16
C GLY A 403 -2.89 14.35 5.81
N ASP A 404 -2.87 13.07 5.41
CA ASP A 404 -2.22 12.68 4.17
C ASP A 404 -2.97 13.22 2.98
N HIS A 405 -4.28 13.00 2.96
CA HIS A 405 -5.15 13.47 1.88
C HIS A 405 -5.06 14.99 1.66
N ASN A 406 -5.12 15.75 2.75
CA ASN A 406 -5.24 17.20 2.65
C ASN A 406 -3.93 17.98 2.61
N VAL A 407 -2.89 17.47 3.26
CA VAL A 407 -1.67 18.26 3.42
C VAL A 407 -0.44 17.53 2.97
N VAL A 408 -0.11 16.43 3.64
CA VAL A 408 1.15 15.73 3.41
C VAL A 408 1.35 15.27 1.98
N CYS A 409 0.35 14.65 1.38
CA CYS A 409 0.52 14.20 0.00
C CYS A 409 0.44 15.32 -1.05
N PRO A 410 -0.43 16.33 -0.85
CA PRO A 410 -0.37 17.50 -1.73
C PRO A 410 0.99 18.22 -1.65
N VAL A 411 1.59 18.27 -0.47
CA VAL A 411 2.89 18.89 -0.33
C VAL A 411 3.97 18.05 -1.03
N ALA A 412 3.94 16.74 -0.81
CA ALA A 412 4.82 15.83 -1.52
C ALA A 412 4.70 16.02 -3.04
N GLN A 413 3.47 16.05 -3.54
CA GLN A 413 3.23 16.29 -4.96
C GLN A 413 3.86 17.62 -5.42
N LEU A 414 3.63 18.69 -4.65
CA LEU A 414 4.16 20.01 -4.99
C LEU A 414 5.70 20.00 -5.02
N ALA A 415 6.33 19.51 -3.95
CA ALA A 415 7.78 19.46 -3.88
C ALA A 415 8.34 18.67 -5.06
N GLY A 416 7.68 17.55 -5.38
CA GLY A 416 8.07 16.71 -6.48
C GLY A 416 8.01 17.38 -7.84
N ARG A 417 6.89 18.02 -8.16
CA ARG A 417 6.78 18.72 -9.43
C ARG A 417 7.72 19.93 -9.52
N LEU A 418 7.83 20.69 -8.44
CA LEU A 418 8.65 21.88 -8.44
C LEU A 418 10.11 21.52 -8.65
N ALA A 419 10.58 20.51 -7.92
CA ALA A 419 11.96 20.06 -8.07
C ALA A 419 12.20 19.56 -9.51
N ALA A 420 11.38 18.62 -9.96
CA ALA A 420 11.56 18.06 -11.29
C ALA A 420 11.57 19.13 -12.38
N GLN A 421 11.12 20.33 -12.05
CA GLN A 421 10.96 21.36 -13.06
C GLN A 421 11.74 22.64 -12.81
N GLY A 422 12.91 22.48 -12.21
CA GLY A 422 13.83 23.60 -12.07
C GLY A 422 13.99 24.20 -10.69
N ALA A 423 12.91 24.21 -9.91
CA ALA A 423 12.91 24.92 -8.63
C ALA A 423 13.93 24.37 -7.68
N ARG A 424 14.47 25.24 -6.84
CA ARG A 424 15.27 24.79 -5.71
C ARG A 424 14.34 24.63 -4.51
N VAL A 425 14.25 23.42 -3.99
CA VAL A 425 13.25 23.07 -2.97
C VAL A 425 13.89 22.55 -1.69
N TYR A 426 13.48 23.10 -0.54
CA TYR A 426 13.88 22.57 0.76
C TYR A 426 12.63 22.07 1.48
N ALA A 427 12.75 20.91 2.12
CA ALA A 427 11.57 20.26 2.71
C ALA A 427 11.82 19.86 4.16
N TYR A 428 10.80 19.99 5.00
CA TYR A 428 10.95 19.62 6.40
C TYR A 428 9.70 18.90 6.93
N ILE A 429 9.88 18.22 8.05
CA ILE A 429 8.77 17.76 8.85
C ILE A 429 9.05 18.26 10.26
N PHE A 430 8.05 18.90 10.85
CA PHE A 430 8.20 19.51 12.16
C PHE A 430 7.59 18.59 13.20
N GLU A 431 8.38 18.20 14.20
CA GLU A 431 8.00 17.08 15.07
C GLU A 431 7.96 17.40 16.56
N HIS A 432 8.19 18.65 16.92
CA HIS A 432 8.17 18.99 18.33
C HIS A 432 6.80 19.46 18.80
N ARG A 433 6.26 18.79 19.81
CA ARG A 433 5.00 19.22 20.40
C ARG A 433 5.28 20.24 21.50
N ALA A 434 4.63 21.40 21.41
CA ALA A 434 4.91 22.47 22.37
C ALA A 434 4.61 21.95 23.76
N SER A 435 5.52 22.24 24.70
CA SER A 435 5.28 21.91 26.11
C SER A 435 4.03 22.65 26.61
N THR A 436 3.65 23.72 25.92
CA THR A 436 2.49 24.53 26.32
C THR A 436 1.18 24.16 25.61
N LEU A 437 1.21 23.13 24.76
CA LEU A 437 0.02 22.72 24.00
C LEU A 437 -1.16 22.39 24.91
N THR A 438 -2.36 22.87 24.58
CA THR A 438 -3.53 22.59 25.41
C THR A 438 -4.44 21.54 24.81
N TRP A 439 -4.15 21.13 23.58
CA TRP A 439 -4.82 19.99 22.99
C TRP A 439 -4.28 18.71 23.62
N PRO A 440 -5.09 17.62 23.60
CA PRO A 440 -4.74 16.31 24.18
C PRO A 440 -3.49 15.73 23.54
N LEU A 441 -2.81 14.85 24.24
CA LEU A 441 -1.64 14.17 23.71
C LEU A 441 -1.94 13.36 22.47
N TRP A 442 -3.15 12.80 22.37
CA TRP A 442 -3.45 11.94 21.22
C TRP A 442 -3.32 12.69 19.90
N MET A 443 -3.49 14.00 19.94
CA MET A 443 -3.38 14.82 18.72
C MET A 443 -1.96 15.06 18.26
N GLY A 444 -0.98 14.68 19.07
CA GLY A 444 0.42 14.80 18.67
C GLY A 444 0.87 16.24 18.45
N VAL A 445 1.45 16.51 17.28
CA VAL A 445 1.85 17.86 16.89
C VAL A 445 0.87 18.34 15.82
N PRO A 446 -0.17 19.07 16.24
CA PRO A 446 -1.27 19.37 15.33
C PRO A 446 -0.96 20.51 14.35
N HIS A 447 -1.75 20.54 13.29
CA HIS A 447 -1.78 21.58 12.27
C HIS A 447 -1.75 22.98 12.92
N GLY A 448 -0.78 23.81 12.52
CA GLY A 448 -0.69 25.16 13.04
C GLY A 448 0.29 25.35 14.20
N TYR A 449 0.77 24.28 14.81
CA TYR A 449 1.55 24.44 16.04
C TYR A 449 3.08 24.49 15.87
N GLU A 450 3.52 24.74 14.64
CA GLU A 450 4.91 25.11 14.42
C GLU A 450 5.01 26.63 14.38
N ILE A 451 3.91 27.30 14.03
CA ILE A 451 3.93 28.74 13.78
C ILE A 451 4.55 29.56 14.92
N GLU A 452 4.17 29.27 16.16
CA GLU A 452 4.64 30.01 17.31
C GLU A 452 6.17 29.88 17.50
N PHE A 453 6.75 28.79 16.99
CA PHE A 453 8.20 28.61 17.03
C PHE A 453 8.95 29.40 15.93
N ILE A 454 8.43 29.38 14.71
CA ILE A 454 8.98 30.19 13.61
C ILE A 454 9.01 31.68 13.97
N PHE A 455 7.97 32.15 14.67
CA PHE A 455 7.83 33.56 15.02
C PHE A 455 8.56 33.91 16.31
N GLY A 456 9.10 32.89 16.97
CA GLY A 456 9.95 33.08 18.14
C GLY A 456 9.25 33.42 19.44
N LEU A 457 7.97 33.07 19.59
CA LEU A 457 7.27 33.29 20.85
C LEU A 457 7.96 32.69 22.08
N PRO A 458 8.66 31.55 21.91
CA PRO A 458 9.29 30.99 23.12
C PRO A 458 10.37 31.90 23.70
N LEU A 459 10.83 32.92 22.96
CA LEU A 459 11.80 33.89 23.48
C LEU A 459 11.18 34.82 24.53
N ASP A 460 9.86 34.83 24.61
CA ASP A 460 9.16 35.69 25.56
C ASP A 460 9.07 34.98 26.90
N PRO A 461 9.86 35.43 27.88
CA PRO A 461 10.02 34.73 29.16
C PRO A 461 8.67 34.44 29.81
N SER A 462 7.75 35.38 29.70
CA SER A 462 6.46 35.22 30.34
C SER A 462 5.54 34.13 29.73
N LEU A 463 5.96 33.49 28.64
CA LEU A 463 5.11 32.47 28.03
C LEU A 463 5.35 31.04 28.53
N ASN A 464 6.40 30.84 29.32
CA ASN A 464 6.62 29.54 29.98
C ASN A 464 7.14 28.41 29.08
N TYR A 465 7.74 28.73 27.94
CA TYR A 465 8.39 27.68 27.17
C TYR A 465 9.65 27.23 27.92
N THR A 466 10.11 26.02 27.65
CA THR A 466 11.37 25.52 28.20
C THR A 466 12.56 26.16 27.51
N THR A 467 13.71 26.11 28.17
CA THR A 467 14.96 26.66 27.64
C THR A 467 15.38 26.00 26.32
N GLU A 468 15.10 24.71 26.17
CA GLU A 468 15.37 24.03 24.91
C GLU A 468 14.45 24.54 23.81
N GLU A 469 13.18 24.80 24.16
CA GLU A 469 12.24 25.38 23.19
C GLU A 469 12.69 26.76 22.74
N ARG A 470 13.23 27.54 23.66
CA ARG A 470 13.75 28.86 23.31
C ARG A 470 14.88 28.71 22.30
N ILE A 471 15.80 27.80 22.58
CA ILE A 471 16.95 27.54 21.70
C ILE A 471 16.50 26.99 20.35
N PHE A 472 15.52 26.11 20.39
CA PHE A 472 14.90 25.55 19.18
C PHE A 472 14.26 26.65 18.33
N ALA A 473 13.54 27.57 18.97
CA ALA A 473 12.88 28.65 18.25
C ALA A 473 13.93 29.47 17.52
N GLN A 474 15.03 29.79 18.22
CA GLN A 474 16.13 30.54 17.63
C GLN A 474 16.72 29.87 16.41
N ARG A 475 16.87 28.55 16.45
CA ARG A 475 17.33 27.82 15.26
C ARG A 475 16.37 28.02 14.09
N LEU A 476 15.08 27.82 14.35
CA LEU A 476 14.07 27.93 13.28
C LEU A 476 14.03 29.33 12.69
N MET A 477 14.08 30.35 13.55
CA MET A 477 14.10 31.71 13.07
C MET A 477 15.31 31.92 12.15
N LYS A 478 16.44 31.31 12.52
CA LYS A 478 17.65 31.36 11.69
C LYS A 478 17.44 30.70 10.33
N TYR A 479 16.91 29.47 10.31
CA TYR A 479 16.63 28.80 9.03
C TYR A 479 15.75 29.65 8.12
N TRP A 480 14.67 30.19 8.68
CA TRP A 480 13.69 30.93 7.88
C TRP A 480 14.29 32.25 7.35
N THR A 481 15.00 32.97 8.21
CA THR A 481 15.61 34.23 7.77
C THR A 481 16.80 34.01 6.83
N ASN A 482 17.60 32.97 7.10
CA ASN A 482 18.64 32.60 6.13
C ASN A 482 18.04 32.31 4.76
N PHE A 483 16.95 31.54 4.73
CA PHE A 483 16.31 31.24 3.45
C PHE A 483 15.77 32.52 2.78
N ALA A 484 15.24 33.43 3.59
CA ALA A 484 14.72 34.68 3.07
C ALA A 484 15.85 35.50 2.47
N ARG A 485 16.98 35.54 3.18
CA ARG A 485 18.16 36.31 2.76
C ARG A 485 18.84 35.75 1.51
N THR A 486 18.94 34.44 1.38
CA THR A 486 19.80 33.83 0.37
C THR A 486 19.15 32.75 -0.49
N GLY A 487 17.99 32.24 -0.05
CA GLY A 487 17.34 31.15 -0.74
C GLY A 487 17.95 29.83 -0.31
N ASP A 488 18.61 29.86 0.85
CA ASP A 488 19.24 28.68 1.43
C ASP A 488 19.09 28.78 2.95
N PRO A 489 18.43 27.78 3.56
CA PRO A 489 18.22 27.84 5.02
C PRO A 489 19.51 27.69 5.82
N ASN A 490 20.56 27.16 5.19
CA ASN A 490 21.81 26.87 5.90
C ASN A 490 22.61 28.10 6.26
N ASP A 491 23.30 28.04 7.40
CA ASP A 491 24.19 29.10 7.83
C ASP A 491 25.53 28.95 7.13
N PRO A 492 25.99 30.00 6.43
CA PRO A 492 27.24 30.00 5.68
C PRO A 492 28.45 29.75 6.58
N ARG A 493 28.49 30.45 7.71
CA ARG A 493 29.56 30.29 8.68
C ARG A 493 29.53 28.88 9.25
N ASP A 494 28.43 28.56 9.93
CA ASP A 494 28.29 27.31 10.67
C ASP A 494 28.14 26.06 9.78
N SER A 495 29.27 25.46 9.42
CA SER A 495 29.29 24.22 8.64
C SER A 495 29.38 23.00 9.56
N LYS A 496 29.76 23.24 10.81
CA LYS A 496 29.78 22.20 11.85
C LYS A 496 28.37 21.63 12.10
N SER A 497 27.36 22.50 12.09
CA SER A 497 25.98 22.06 12.18
C SER A 497 25.62 21.22 10.96
N PRO A 498 24.81 20.16 11.17
CA PRO A 498 24.44 19.31 10.03
C PRO A 498 23.78 20.19 8.96
N GLN A 499 23.95 19.84 7.69
CA GLN A 499 23.41 20.66 6.61
C GLN A 499 22.02 20.19 6.16
N TRP A 500 21.26 21.12 5.61
CA TRP A 500 19.92 20.83 5.11
C TRP A 500 20.01 20.79 3.58
N PRO A 501 19.99 19.58 3.01
CA PRO A 501 20.14 19.39 1.57
C PRO A 501 18.87 19.79 0.85
N PRO A 502 18.97 20.25 -0.39
CA PRO A 502 17.76 20.44 -1.20
C PRO A 502 17.00 19.13 -1.39
N TYR A 503 15.70 19.22 -1.60
CA TYR A 503 14.89 18.07 -1.92
C TYR A 503 14.96 17.85 -3.43
N THR A 504 15.18 16.60 -3.85
CA THR A 504 15.33 16.25 -5.26
C THR A 504 14.51 15.01 -5.60
N THR A 505 14.14 14.85 -6.85
CA THR A 505 13.41 13.66 -7.24
C THR A 505 14.29 12.42 -7.07
N ALA A 506 15.58 12.56 -7.34
CA ALA A 506 16.52 11.45 -7.21
C ALA A 506 16.72 10.97 -5.77
N ALA A 507 16.89 11.89 -4.83
CA ALA A 507 17.17 11.50 -3.45
C ALA A 507 16.02 11.76 -2.46
N GLN A 508 15.09 12.66 -2.81
CA GLN A 508 13.89 12.89 -2.00
C GLN A 508 14.20 13.22 -0.54
N GLN A 509 15.23 14.03 -0.31
CA GLN A 509 15.67 14.32 1.04
C GLN A 509 14.94 15.47 1.71
N TYR A 510 14.71 15.33 3.02
CA TYR A 510 14.07 16.35 3.82
C TYR A 510 14.57 16.22 5.26
N VAL A 511 14.41 17.27 6.06
CA VAL A 511 14.95 17.23 7.40
C VAL A 511 13.88 17.18 8.49
N SER A 512 14.23 16.62 9.63
CA SER A 512 13.35 16.68 10.78
C SER A 512 13.66 17.94 11.59
N LEU A 513 12.63 18.66 11.97
CA LEU A 513 12.77 19.82 12.84
C LEU A 513 12.23 19.46 14.23
N ASN A 514 13.16 19.29 15.17
CA ASN A 514 12.82 19.02 16.56
C ASN A 514 13.95 19.48 17.47
N LEU A 515 13.92 19.08 18.73
CA LEU A 515 14.92 19.55 19.70
C LEU A 515 16.33 19.07 19.36
N LYS A 516 16.42 17.95 18.66
CA LYS A 516 17.71 17.38 18.27
C LYS A 516 18.24 18.06 17.01
N PRO A 517 19.54 17.91 16.74
CA PRO A 517 20.14 18.49 15.54
C PRO A 517 19.47 17.96 14.27
N LEU A 518 19.49 18.73 13.18
CA LEU A 518 18.88 18.28 11.94
C LEU A 518 19.24 16.85 11.62
N GLU A 519 18.23 16.04 11.33
CA GLU A 519 18.48 14.71 10.79
C GLU A 519 17.88 14.64 9.39
N VAL A 520 18.62 14.09 8.44
CA VAL A 520 18.17 14.00 7.05
C VAL A 520 17.45 12.69 6.79
N ARG A 521 16.27 12.76 6.17
CA ARG A 521 15.50 11.57 5.85
C ARG A 521 15.17 11.57 4.36
N ARG A 522 14.71 10.43 3.85
CA ARG A 522 14.40 10.28 2.43
C ARG A 522 12.97 9.80 2.21
N GLY A 523 12.30 10.38 1.22
CA GLY A 523 10.95 9.99 0.88
C GLY A 523 9.91 10.57 1.82
N LEU A 524 9.11 11.51 1.31
CA LEU A 524 8.04 12.11 2.09
C LEU A 524 6.80 11.23 1.97
N ARG A 525 6.60 10.32 2.92
CA ARG A 525 5.55 9.30 2.79
C ARG A 525 5.45 8.78 1.37
N ALA A 526 6.56 8.29 0.83
CA ALA A 526 6.62 7.95 -0.58
C ALA A 526 5.57 6.90 -0.99
N GLN A 527 5.47 5.79 -0.26
CA GLN A 527 4.51 4.73 -0.64
C GLN A 527 3.08 5.20 -0.58
N THR A 528 2.68 5.71 0.58
CA THR A 528 1.32 6.17 0.81
C THR A 528 0.95 7.31 -0.15
N CYS A 529 1.84 8.28 -0.33
CA CYS A 529 1.56 9.36 -1.28
C CYS A 529 1.47 8.86 -2.73
N ALA A 530 2.16 7.78 -3.04
CA ALA A 530 1.96 7.17 -4.36
C ALA A 530 0.50 6.74 -4.50
N PHE A 531 -0.07 6.26 -3.39
CA PHE A 531 -1.49 5.89 -3.38
C PHE A 531 -2.41 7.09 -3.65
N TRP A 532 -2.25 8.16 -2.90
CA TRP A 532 -3.08 9.36 -3.08
C TRP A 532 -2.83 10.07 -4.41
N ASN A 533 -1.56 10.17 -4.80
CA ASN A 533 -1.17 11.03 -5.93
C ASN A 533 -1.13 10.38 -7.31
N ARG A 534 -0.94 9.07 -7.36
CA ARG A 534 -0.83 8.38 -8.63
C ARG A 534 -2.00 7.43 -8.85
N PHE A 535 -2.40 6.73 -7.80
CA PHE A 535 -3.46 5.75 -7.99
C PHE A 535 -4.88 6.29 -7.84
N LEU A 536 -5.18 6.97 -6.74
CA LEU A 536 -6.56 7.47 -6.55
C LEU A 536 -7.12 8.24 -7.74
N PRO A 537 -6.32 9.15 -8.32
CA PRO A 537 -6.87 9.88 -9.47
C PRO A 537 -7.32 8.96 -10.59
N LYS A 538 -6.63 7.85 -10.82
CA LYS A 538 -7.02 6.91 -11.88
C LYS A 538 -8.26 6.10 -11.50
N LEU A 539 -8.42 5.82 -10.21
CA LEU A 539 -9.61 5.15 -9.73
C LEU A 539 -10.80 6.07 -9.91
N LEU A 540 -10.49 7.27 -10.43
CA LEU A 540 -11.47 8.34 -10.66
C LEU A 540 -11.86 8.37 -12.13
N SER A 541 -10.93 7.97 -12.99
CA SER A 541 -11.24 7.70 -14.40
C SER A 541 -11.81 6.29 -14.53
N ALA A 542 -12.88 6.01 -13.78
CA ALA A 542 -13.52 4.70 -13.78
C ALA A 542 -14.76 4.67 -12.90
N GLU B 4 14.39 -65.75 -1.65
CA GLU B 4 13.09 -65.11 -1.51
C GLU B 4 12.85 -64.57 -0.08
N ASP B 5 13.27 -63.33 0.14
CA ASP B 5 13.10 -62.64 1.41
C ASP B 5 11.62 -62.43 1.78
N PRO B 6 11.17 -62.97 2.91
CA PRO B 6 9.77 -62.91 3.33
C PRO B 6 9.29 -61.49 3.63
N GLN B 7 10.24 -60.61 3.94
CA GLN B 7 9.92 -59.20 4.17
C GLN B 7 9.49 -58.51 2.89
N LEU B 8 10.02 -58.99 1.76
CA LEU B 8 9.76 -58.36 0.48
C LEU B 8 8.56 -59.00 -0.21
N LEU B 9 7.84 -59.86 0.49
CA LEU B 9 6.69 -60.51 -0.09
C LEU B 9 5.40 -60.08 0.60
N VAL B 10 4.49 -59.50 -0.17
CA VAL B 10 3.25 -58.99 0.40
C VAL B 10 2.05 -59.45 -0.41
N ARG B 11 0.96 -59.74 0.28
CA ARG B 11 -0.30 -60.00 -0.39
C ARG B 11 -1.28 -58.85 -0.19
N VAL B 12 -1.71 -58.27 -1.29
CA VAL B 12 -2.71 -57.21 -1.25
C VAL B 12 -3.96 -57.81 -1.89
N ARG B 13 -5.07 -57.08 -1.89
CA ARG B 13 -6.33 -57.64 -2.40
C ARG B 13 -6.23 -58.16 -3.83
N GLY B 14 -5.37 -57.58 -4.63
CA GLY B 14 -5.26 -57.95 -6.02
C GLY B 14 -4.38 -59.17 -6.27
N GLY B 15 -3.59 -59.56 -5.28
CA GLY B 15 -2.67 -60.68 -5.42
C GLY B 15 -1.36 -60.45 -4.69
N GLN B 16 -0.33 -61.15 -5.10
CA GLN B 16 0.96 -61.05 -4.41
C GLN B 16 1.94 -60.13 -5.10
N LEU B 17 2.78 -59.48 -4.30
CA LEU B 17 3.79 -58.56 -4.81
C LEU B 17 5.13 -58.94 -4.24
N ARG B 18 6.19 -58.61 -4.97
CA ARG B 18 7.52 -58.73 -4.45
C ARG B 18 8.20 -57.38 -4.51
N GLY B 19 8.63 -56.88 -3.36
CA GLY B 19 9.31 -55.61 -3.30
C GLY B 19 10.80 -55.81 -3.42
N ILE B 20 11.57 -54.80 -3.04
CA ILE B 20 13.01 -54.89 -3.13
C ILE B 20 13.61 -54.20 -1.92
N ARG B 21 14.68 -54.76 -1.39
CA ARG B 21 15.33 -54.18 -0.23
C ARG B 21 16.30 -53.11 -0.72
N LEU B 22 16.07 -51.88 -0.28
CA LEU B 22 16.93 -50.77 -0.68
C LEU B 22 17.80 -50.33 0.48
N LYS B 23 18.92 -49.69 0.14
CA LYS B 23 19.83 -49.17 1.15
C LYS B 23 19.57 -47.69 1.43
N ALA B 24 19.27 -47.37 2.68
CA ALA B 24 19.30 -45.99 3.16
C ALA B 24 20.53 -45.83 4.08
N PRO B 25 21.09 -44.60 4.13
CA PRO B 25 22.37 -44.36 4.81
C PRO B 25 22.50 -45.07 6.15
N GLY B 26 21.41 -45.18 6.89
CA GLY B 26 21.47 -45.76 8.21
C GLY B 26 20.83 -47.12 8.33
N GLY B 27 20.62 -47.80 7.20
CA GLY B 27 19.96 -49.08 7.23
C GLY B 27 19.16 -49.37 5.98
N PRO B 28 18.46 -50.52 5.96
CA PRO B 28 17.70 -50.98 4.79
C PRO B 28 16.26 -50.53 4.87
N VAL B 29 15.60 -50.44 3.72
CA VAL B 29 14.15 -50.20 3.68
C VAL B 29 13.54 -51.15 2.67
N SER B 30 12.27 -51.51 2.88
CA SER B 30 11.54 -52.28 1.87
C SER B 30 10.80 -51.35 0.93
N ALA B 31 11.01 -51.53 -0.37
CA ALA B 31 10.34 -50.70 -1.36
C ALA B 31 9.51 -51.54 -2.33
N PHE B 32 8.24 -51.17 -2.46
CA PHE B 32 7.33 -51.80 -3.41
C PHE B 32 6.92 -50.77 -4.44
N LEU B 33 7.56 -50.84 -5.60
CA LEU B 33 7.42 -49.86 -6.64
C LEU B 33 6.62 -50.37 -7.84
N GLY B 34 5.89 -49.48 -8.50
CA GLY B 34 5.13 -49.80 -9.70
C GLY B 34 3.93 -50.70 -9.47
N ILE B 35 3.24 -50.54 -8.33
CA ILE B 35 2.06 -51.34 -8.04
C ILE B 35 0.83 -50.75 -8.76
N PRO B 36 0.11 -51.56 -9.54
CA PRO B 36 -1.04 -51.05 -10.31
C PRO B 36 -2.22 -50.82 -9.41
N PHE B 37 -2.83 -49.63 -9.46
CA PHE B 37 -4.04 -49.40 -8.67
C PHE B 37 -5.28 -49.21 -9.56
N ALA B 38 -5.07 -49.04 -10.86
CA ALA B 38 -6.18 -48.96 -11.81
C ALA B 38 -5.93 -49.76 -13.09
N GLU B 39 -7.01 -50.11 -13.78
CA GLU B 39 -6.92 -50.54 -15.18
C GLU B 39 -6.26 -49.44 -16.00
N PRO B 40 -5.25 -49.79 -16.82
CA PRO B 40 -4.65 -48.77 -17.69
C PRO B 40 -5.71 -47.95 -18.43
N PRO B 41 -5.63 -46.61 -18.34
CA PRO B 41 -6.64 -45.70 -18.90
C PRO B 41 -6.39 -45.41 -20.37
N VAL B 42 -6.28 -46.45 -21.18
CA VAL B 42 -5.87 -46.30 -22.57
C VAL B 42 -7.00 -46.64 -23.54
N GLY B 43 -6.88 -46.16 -24.77
CA GLY B 43 -7.89 -46.42 -25.79
C GLY B 43 -9.20 -45.70 -25.51
N SER B 44 -10.27 -46.46 -25.34
CA SER B 44 -11.56 -45.86 -25.08
C SER B 44 -11.65 -45.34 -23.64
N ARG B 45 -10.64 -45.67 -22.84
CA ARG B 45 -10.61 -45.24 -21.46
C ARG B 45 -9.94 -43.87 -21.26
N ARG B 46 -9.29 -43.35 -22.30
CA ARG B 46 -8.74 -42.00 -22.27
C ARG B 46 -9.81 -40.97 -21.92
N PHE B 47 -9.48 -40.04 -21.03
CA PHE B 47 -10.38 -38.99 -20.50
C PHE B 47 -11.43 -39.51 -19.54
N MET B 48 -11.46 -40.81 -19.31
CA MET B 48 -12.47 -41.42 -18.45
C MET B 48 -12.00 -41.61 -17.00
N PRO B 49 -12.95 -41.67 -16.06
CA PRO B 49 -12.64 -42.01 -14.66
C PRO B 49 -11.86 -43.33 -14.61
N PRO B 50 -10.99 -43.50 -13.60
CA PRO B 50 -10.20 -44.73 -13.50
C PRO B 50 -11.06 -45.89 -12.99
N GLU B 51 -10.72 -47.11 -13.36
CA GLU B 51 -11.39 -48.27 -12.81
C GLU B 51 -10.38 -49.07 -12.02
N PRO B 52 -10.83 -49.73 -10.95
CA PRO B 52 -9.98 -50.55 -10.09
C PRO B 52 -9.21 -51.60 -10.89
N LYS B 53 -7.93 -51.82 -10.54
CA LYS B 53 -7.13 -52.85 -11.18
C LYS B 53 -7.72 -54.24 -10.96
N ARG B 54 -7.81 -55.01 -12.04
CA ARG B 54 -8.23 -56.41 -11.95
C ARG B 54 -7.15 -57.23 -11.24
N PRO B 55 -7.58 -58.21 -10.44
CA PRO B 55 -6.64 -59.13 -9.76
C PRO B 55 -5.66 -59.78 -10.73
N TRP B 56 -4.53 -60.22 -10.22
CA TRP B 56 -3.50 -60.86 -11.05
C TRP B 56 -3.01 -62.16 -10.43
N SER B 57 -2.36 -62.99 -11.24
CA SER B 57 -1.92 -64.31 -10.81
C SER B 57 -0.43 -64.27 -10.48
N GLY B 58 0.04 -65.22 -9.68
CA GLY B 58 1.45 -65.26 -9.35
C GLY B 58 1.95 -64.12 -8.50
N VAL B 59 3.22 -63.78 -8.67
CA VAL B 59 3.83 -62.71 -7.91
C VAL B 59 4.15 -61.55 -8.85
N LEU B 60 3.49 -60.42 -8.64
CA LEU B 60 3.75 -59.23 -9.44
C LEU B 60 5.09 -58.64 -9.06
N ASP B 61 5.91 -58.35 -10.05
CA ASP B 61 7.21 -57.79 -9.76
C ASP B 61 7.08 -56.29 -9.40
N ALA B 62 7.33 -55.94 -8.14
CA ALA B 62 7.22 -54.55 -7.69
C ALA B 62 8.56 -54.00 -7.21
N THR B 63 9.58 -54.11 -8.05
CA THR B 63 10.94 -53.77 -7.64
C THR B 63 11.45 -52.57 -8.42
N THR B 64 10.61 -52.03 -9.28
CA THR B 64 11.06 -50.98 -10.18
C THR B 64 9.96 -49.95 -10.46
N PHE B 65 10.35 -48.72 -10.68
CA PHE B 65 9.38 -47.65 -10.99
C PHE B 65 8.70 -47.91 -12.33
N GLN B 66 7.39 -47.71 -12.35
CA GLN B 66 6.64 -47.85 -13.60
C GLN B 66 6.73 -46.59 -14.46
N ASN B 67 6.09 -46.64 -15.64
CA ASN B 67 6.10 -45.51 -16.55
C ASN B 67 5.47 -44.24 -15.99
N VAL B 68 5.95 -43.11 -16.51
CA VAL B 68 5.48 -41.79 -16.19
C VAL B 68 4.29 -41.43 -17.08
N CYS B 69 3.25 -40.85 -16.49
CA CYS B 69 2.07 -40.44 -17.24
C CYS B 69 2.46 -39.51 -18.39
N TYR B 70 1.79 -39.68 -19.54
CA TYR B 70 2.15 -38.91 -20.72
C TYR B 70 2.04 -37.39 -20.50
N GLN B 71 3.10 -36.67 -20.84
CA GLN B 71 3.17 -35.26 -20.49
C GLN B 71 4.18 -34.48 -21.31
N TYR B 72 3.96 -33.16 -21.37
CA TYR B 72 4.93 -32.25 -21.95
C TYR B 72 6.27 -32.37 -21.22
N VAL B 73 7.37 -32.24 -21.97
CA VAL B 73 8.71 -32.35 -21.40
C VAL B 73 9.45 -31.02 -21.56
N ASP B 74 9.95 -30.48 -20.45
CA ASP B 74 10.55 -29.15 -20.48
C ASP B 74 11.83 -29.13 -21.32
N THR B 75 11.97 -28.10 -22.15
CA THR B 75 13.11 -27.97 -23.06
C THR B 75 13.74 -26.59 -23.00
N LEU B 76 13.32 -25.78 -22.03
CA LEU B 76 13.84 -24.43 -21.88
C LEU B 76 15.37 -24.41 -21.78
N TYR B 77 15.92 -25.21 -20.87
CA TYR B 77 17.37 -25.30 -20.73
C TYR B 77 17.83 -26.75 -20.82
N PRO B 78 17.93 -27.26 -22.05
CA PRO B 78 18.24 -28.68 -22.28
C PRO B 78 19.51 -29.11 -21.56
N GLY B 79 19.41 -30.19 -20.78
CA GLY B 79 20.57 -30.73 -20.08
C GLY B 79 20.92 -30.05 -18.77
N PHE B 80 20.19 -28.99 -18.41
CA PHE B 80 20.45 -28.26 -17.17
C PHE B 80 19.81 -29.00 -15.97
N GLU B 81 20.59 -29.23 -14.92
CA GLU B 81 20.09 -30.04 -13.80
C GLU B 81 18.86 -29.42 -13.12
N GLY B 82 18.79 -28.09 -13.13
CA GLY B 82 17.70 -27.36 -12.49
C GLY B 82 16.34 -27.61 -13.10
N THR B 83 16.32 -27.85 -14.40
CA THR B 83 15.07 -28.14 -15.08
C THR B 83 14.90 -29.66 -15.24
N GLU B 84 15.99 -30.36 -15.48
CA GLU B 84 15.95 -31.78 -15.78
C GLU B 84 15.50 -32.61 -14.57
N MET B 85 15.71 -32.07 -13.37
CA MET B 85 15.36 -32.81 -12.15
C MET B 85 13.85 -32.99 -11.99
N TRP B 86 13.07 -32.18 -12.73
CA TRP B 86 11.62 -32.27 -12.75
C TRP B 86 11.11 -33.05 -13.96
N ASN B 87 12.00 -33.35 -14.91
CA ASN B 87 11.58 -34.02 -16.15
C ASN B 87 11.34 -35.52 -15.92
N PRO B 88 10.50 -36.14 -16.76
CA PRO B 88 10.25 -37.58 -16.55
C PRO B 88 11.55 -38.37 -16.55
N ASN B 89 11.67 -39.32 -15.62
CA ASN B 89 12.86 -40.14 -15.52
C ASN B 89 12.55 -41.61 -15.78
N ARG B 90 11.42 -41.86 -16.44
CA ARG B 90 11.04 -43.17 -16.96
C ARG B 90 10.30 -42.92 -18.26
N GLU B 91 9.95 -43.99 -18.98
CA GLU B 91 9.26 -43.84 -20.26
C GLU B 91 7.89 -43.22 -20.09
N LEU B 92 7.52 -42.33 -21.01
CA LEU B 92 6.17 -41.82 -21.04
C LEU B 92 5.23 -42.93 -21.48
N SER B 93 4.00 -42.90 -21.01
CA SER B 93 2.98 -43.83 -21.45
C SER B 93 1.64 -43.42 -20.84
N GLU B 94 0.54 -43.66 -21.55
CA GLU B 94 -0.77 -43.43 -20.95
C GLU B 94 -1.08 -44.52 -19.95
N ASP B 95 -0.31 -45.61 -20.01
CA ASP B 95 -0.43 -46.69 -19.06
C ASP B 95 0.51 -46.36 -17.91
N CYS B 96 0.00 -45.65 -16.90
CA CYS B 96 0.87 -45.03 -15.89
C CYS B 96 0.27 -45.01 -14.48
N LEU B 97 -0.88 -45.63 -14.30
CA LEU B 97 -1.55 -45.58 -13.01
C LEU B 97 -0.96 -46.61 -12.05
N TYR B 98 0.16 -46.25 -11.43
CA TYR B 98 0.82 -47.14 -10.48
C TYR B 98 1.19 -46.32 -9.26
N LEU B 99 1.33 -46.98 -8.12
CA LEU B 99 1.79 -46.29 -6.93
C LEU B 99 3.03 -46.97 -6.34
N ASN B 100 3.64 -46.30 -5.36
CA ASN B 100 4.87 -46.76 -4.74
C ASN B 100 4.73 -46.73 -3.21
N VAL B 101 5.23 -47.76 -2.55
CA VAL B 101 5.21 -47.81 -1.09
C VAL B 101 6.63 -48.05 -0.56
N TRP B 102 7.05 -47.26 0.41
CA TRP B 102 8.28 -47.54 1.16
C TRP B 102 7.89 -47.80 2.60
N THR B 103 8.52 -48.82 3.20
CA THR B 103 8.30 -49.08 4.62
C THR B 103 9.65 -49.38 5.24
N PRO B 104 9.72 -49.38 6.58
CA PRO B 104 10.93 -49.81 7.29
C PRO B 104 11.22 -51.28 7.04
N TYR B 105 12.49 -51.64 7.09
CA TYR B 105 12.89 -53.03 6.97
C TYR B 105 13.53 -53.44 8.30
N PRO B 106 12.92 -54.39 9.02
CA PRO B 106 11.73 -55.18 8.66
C PRO B 106 10.48 -54.33 8.77
N ARG B 107 9.35 -54.85 8.28
CA ARG B 107 8.14 -54.06 8.23
C ARG B 107 7.59 -53.81 9.63
N PRO B 108 7.06 -52.59 9.85
CA PRO B 108 6.60 -52.16 11.17
C PRO B 108 5.85 -53.26 11.92
N ALA B 109 6.16 -53.43 13.20
CA ALA B 109 5.50 -54.43 14.02
C ALA B 109 4.08 -53.98 14.40
N SER B 110 3.92 -52.68 14.57
CA SER B 110 2.60 -52.11 14.84
C SER B 110 2.22 -51.13 13.73
N PRO B 111 0.91 -50.90 13.54
CA PRO B 111 0.37 -50.01 12.51
C PRO B 111 0.99 -48.62 12.56
N THR B 112 1.67 -48.26 11.49
CA THR B 112 2.46 -47.03 11.41
C THR B 112 1.72 -45.94 10.61
N PRO B 113 1.79 -44.68 11.08
CA PRO B 113 1.18 -43.58 10.31
C PRO B 113 1.64 -43.59 8.87
N VAL B 114 0.71 -43.33 7.96
CA VAL B 114 1.02 -43.32 6.55
C VAL B 114 1.09 -41.91 6.02
N LEU B 115 2.17 -41.58 5.30
CA LEU B 115 2.22 -40.33 4.55
C LEU B 115 2.04 -40.59 3.05
N ILE B 116 1.09 -39.88 2.43
CA ILE B 116 0.86 -40.01 1.00
C ILE B 116 1.27 -38.76 0.25
N TRP B 117 2.26 -38.90 -0.63
CA TRP B 117 2.74 -37.79 -1.43
C TRP B 117 2.01 -37.66 -2.76
N ILE B 118 1.61 -36.43 -3.07
CA ILE B 118 1.02 -36.10 -4.36
C ILE B 118 1.90 -35.04 -5.04
N TYR B 119 2.57 -35.43 -6.12
CA TYR B 119 3.52 -34.52 -6.76
C TYR B 119 2.85 -33.31 -7.41
N GLY B 120 3.64 -32.28 -7.65
CA GLY B 120 3.19 -31.13 -8.41
C GLY B 120 3.70 -31.19 -9.84
N GLY B 121 3.75 -30.03 -10.49
CA GLY B 121 4.01 -29.96 -11.92
C GLY B 121 2.88 -29.30 -12.71
N GLY B 122 2.19 -28.35 -12.07
CA GLY B 122 1.16 -27.56 -12.74
C GLY B 122 -0.02 -28.32 -13.31
N PHE B 123 -0.21 -29.56 -12.88
CA PHE B 123 -1.27 -30.41 -13.43
C PHE B 123 -1.00 -30.86 -14.88
N TYR B 124 0.16 -30.49 -15.42
CA TYR B 124 0.51 -30.88 -16.79
C TYR B 124 1.75 -31.78 -16.83
N SER B 125 2.38 -32.01 -15.67
CA SER B 125 3.62 -32.77 -15.63
C SER B 125 3.83 -33.37 -14.27
N GLY B 126 4.91 -34.13 -14.11
CA GLY B 126 5.29 -34.69 -12.84
C GLY B 126 5.25 -36.19 -12.80
N ALA B 127 5.92 -36.78 -11.81
CA ALA B 127 5.94 -38.22 -11.64
C ALA B 127 6.39 -38.57 -10.22
N ALA B 128 5.85 -39.65 -9.68
CA ALA B 128 6.19 -40.11 -8.34
C ALA B 128 7.58 -40.75 -8.28
N SER B 129 8.25 -40.85 -9.42
CA SER B 129 9.53 -41.55 -9.47
C SER B 129 10.77 -40.64 -9.45
N LEU B 130 10.57 -39.33 -9.35
CA LEU B 130 11.72 -38.41 -9.34
C LEU B 130 12.58 -38.65 -8.11
N ASP B 131 13.87 -38.33 -8.20
CA ASP B 131 14.77 -38.48 -7.07
C ASP B 131 14.33 -37.65 -5.84
N VAL B 132 13.84 -36.44 -6.07
CA VAL B 132 13.46 -35.59 -4.94
C VAL B 132 12.27 -36.13 -4.16
N TYR B 133 11.58 -37.13 -4.69
CA TYR B 133 10.46 -37.74 -3.95
C TYR B 133 10.81 -39.10 -3.38
N ASP B 134 12.09 -39.41 -3.33
CA ASP B 134 12.56 -40.68 -2.77
C ASP B 134 12.09 -40.89 -1.34
N GLY B 135 11.19 -41.86 -1.13
CA GLY B 135 10.67 -42.15 0.19
C GLY B 135 11.54 -42.94 1.17
N ARG B 136 12.74 -43.35 0.76
CA ARG B 136 13.52 -44.25 1.63
C ARG B 136 13.99 -43.59 2.95
N PHE B 137 14.31 -42.30 2.88
CA PHE B 137 14.82 -41.59 4.06
C PHE B 137 13.77 -41.46 5.16
N LEU B 138 12.57 -41.04 4.79
CA LEU B 138 11.49 -40.92 5.76
C LEU B 138 11.12 -42.29 6.32
N ALA B 139 11.26 -43.31 5.49
CA ALA B 139 10.96 -44.68 5.90
C ALA B 139 12.00 -45.19 6.90
N GLN B 140 13.27 -44.95 6.61
CA GLN B 140 14.35 -45.46 7.43
C GLN B 140 14.50 -44.66 8.73
N VAL B 141 14.64 -43.34 8.59
CA VAL B 141 14.89 -42.49 9.75
C VAL B 141 13.69 -42.32 10.69
N GLU B 142 12.50 -42.13 10.12
CA GLU B 142 11.33 -41.80 10.93
C GLU B 142 10.37 -42.96 11.08
N GLY B 143 10.70 -44.08 10.43
CA GLY B 143 9.85 -45.26 10.49
C GLY B 143 8.49 -45.07 9.86
N ALA B 144 8.40 -44.15 8.89
CA ALA B 144 7.13 -43.89 8.24
C ALA B 144 6.85 -44.92 7.14
N VAL B 145 5.57 -45.19 6.92
CA VAL B 145 5.16 -45.80 5.67
C VAL B 145 4.82 -44.67 4.70
N LEU B 146 5.51 -44.63 3.58
CA LEU B 146 5.32 -43.54 2.64
C LEU B 146 4.75 -44.03 1.32
N VAL B 147 3.65 -43.43 0.88
CA VAL B 147 3.03 -43.81 -0.40
C VAL B 147 3.08 -42.68 -1.42
N SER B 148 3.25 -42.99 -2.69
CA SER B 148 3.11 -42.00 -3.76
C SER B 148 2.52 -42.62 -5.03
N MET B 149 1.57 -41.93 -5.65
CA MET B 149 0.93 -42.43 -6.87
C MET B 149 1.29 -41.60 -8.10
N ASN B 150 1.16 -42.21 -9.27
CA ASN B 150 1.12 -41.43 -10.49
C ASN B 150 -0.34 -41.11 -10.73
N TYR B 151 -0.62 -39.96 -11.34
CA TYR B 151 -1.98 -39.64 -11.73
C TYR B 151 -1.89 -38.89 -13.05
N ARG B 152 -2.91 -38.98 -13.87
CA ARG B 152 -2.87 -38.41 -15.21
C ARG B 152 -2.81 -36.89 -15.18
N VAL B 153 -1.99 -36.32 -16.05
CA VAL B 153 -1.83 -34.89 -16.15
C VAL B 153 -2.20 -34.41 -17.55
N GLY B 154 -2.12 -33.09 -17.76
CA GLY B 154 -2.48 -32.46 -19.01
C GLY B 154 -3.85 -32.87 -19.52
N THR B 155 -3.98 -32.98 -20.84
CA THR B 155 -5.25 -33.39 -21.45
C THR B 155 -5.72 -34.74 -20.91
N PHE B 156 -4.81 -35.70 -20.83
CA PHE B 156 -5.21 -37.04 -20.40
C PHE B 156 -5.86 -37.03 -19.04
N GLY B 157 -5.43 -36.11 -18.17
CA GLY B 157 -5.94 -36.04 -16.83
C GLY B 157 -7.03 -35.01 -16.59
N PHE B 158 -7.03 -33.93 -17.36
CA PHE B 158 -7.96 -32.83 -17.05
C PHE B 158 -8.76 -32.23 -18.21
N LEU B 159 -8.59 -32.74 -19.42
CA LEU B 159 -9.44 -32.29 -20.52
C LEU B 159 -10.89 -32.65 -20.19
N ALA B 160 -11.77 -31.67 -20.31
CA ALA B 160 -13.17 -31.82 -19.88
C ALA B 160 -14.12 -31.16 -20.86
N LEU B 161 -15.21 -31.88 -21.16
CA LEU B 161 -16.37 -31.30 -21.80
C LEU B 161 -17.42 -31.45 -20.75
N PRO B 162 -17.49 -30.48 -19.82
CA PRO B 162 -18.34 -30.63 -18.64
C PRO B 162 -19.73 -31.07 -19.05
N GLY B 163 -20.30 -31.99 -18.30
CA GLY B 163 -21.63 -32.51 -18.58
C GLY B 163 -21.62 -33.77 -19.43
N SER B 164 -20.60 -33.95 -20.27
CA SER B 164 -20.50 -35.13 -21.13
C SER B 164 -20.21 -36.41 -20.35
N ARG B 165 -20.46 -37.54 -21.00
CA ARG B 165 -20.24 -38.83 -20.39
C ARG B 165 -18.79 -39.30 -20.56
N GLU B 166 -18.13 -38.82 -21.62
CA GLU B 166 -16.84 -39.39 -21.98
C GLU B 166 -15.62 -38.52 -21.69
N ALA B 167 -15.86 -37.31 -21.16
CA ALA B 167 -14.79 -36.45 -20.64
C ALA B 167 -15.37 -35.54 -19.60
N PRO B 168 -15.72 -36.10 -18.43
CA PRO B 168 -16.40 -35.34 -17.37
C PRO B 168 -15.47 -34.37 -16.63
N GLY B 169 -14.17 -34.38 -16.92
CA GLY B 169 -13.20 -33.62 -16.15
C GLY B 169 -12.75 -34.22 -14.82
N ASN B 170 -11.61 -33.73 -14.32
CA ASN B 170 -11.12 -34.12 -13.00
C ASN B 170 -10.70 -35.59 -12.85
N VAL B 171 -10.48 -36.31 -13.95
CA VAL B 171 -10.20 -37.74 -13.82
C VAL B 171 -8.82 -37.95 -13.16
N GLY B 172 -7.89 -37.03 -13.42
CA GLY B 172 -6.63 -37.02 -12.70
C GLY B 172 -6.80 -36.96 -11.19
N LEU B 173 -7.79 -36.21 -10.69
CA LEU B 173 -8.07 -36.20 -9.25
C LEU B 173 -8.72 -37.49 -8.83
N LEU B 174 -9.55 -38.07 -9.70
CA LEU B 174 -10.14 -39.37 -9.41
C LEU B 174 -9.07 -40.47 -9.33
N ASP B 175 -7.98 -40.32 -10.09
CA ASP B 175 -6.85 -41.24 -10.01
C ASP B 175 -6.26 -41.18 -8.59
N GLN B 176 -5.98 -39.97 -8.12
CA GLN B 176 -5.50 -39.78 -6.76
C GLN B 176 -6.43 -40.45 -5.75
N ARG B 177 -7.72 -40.22 -5.91
CA ARG B 177 -8.70 -40.74 -4.96
C ARG B 177 -8.74 -42.27 -4.98
N LEU B 178 -8.63 -42.85 -6.18
CA LEU B 178 -8.62 -44.31 -6.30
C LEU B 178 -7.39 -44.86 -5.56
N ALA B 179 -6.26 -44.19 -5.71
CA ALA B 179 -5.03 -44.56 -5.04
C ALA B 179 -5.17 -44.45 -3.51
N LEU B 180 -5.88 -43.42 -3.05
CA LEU B 180 -6.18 -43.26 -1.63
C LEU B 180 -7.07 -44.41 -1.12
N GLN B 181 -8.01 -44.84 -1.98
CA GLN B 181 -8.90 -45.95 -1.65
C GLN B 181 -8.10 -47.23 -1.52
N TRP B 182 -7.14 -47.39 -2.44
CA TRP B 182 -6.24 -48.53 -2.42
C TRP B 182 -5.47 -48.58 -1.09
N VAL B 183 -4.98 -47.43 -0.64
CA VAL B 183 -4.27 -47.36 0.64
C VAL B 183 -5.16 -47.82 1.82
N GLN B 184 -6.41 -47.38 1.86
CA GLN B 184 -7.34 -47.83 2.89
C GLN B 184 -7.46 -49.35 2.88
N GLU B 185 -7.64 -49.93 1.70
CA GLU B 185 -7.93 -51.35 1.58
C GLU B 185 -6.71 -52.25 1.70
N ASN B 186 -5.51 -51.70 1.54
CA ASN B 186 -4.34 -52.55 1.38
C ASN B 186 -3.16 -52.23 2.29
N ILE B 187 -3.13 -51.02 2.84
CA ILE B 187 -1.91 -50.51 3.46
C ILE B 187 -1.52 -51.27 4.73
N ALA B 188 -2.52 -51.79 5.45
CA ALA B 188 -2.29 -52.65 6.61
C ALA B 188 -1.35 -53.84 6.30
N ALA B 189 -1.41 -54.35 5.07
CA ALA B 189 -0.57 -55.50 4.71
C ALA B 189 0.91 -55.13 4.72
N PHE B 190 1.19 -53.84 4.66
CA PHE B 190 2.57 -53.34 4.64
C PHE B 190 2.98 -52.85 6.04
N GLY B 191 2.04 -52.87 6.99
CA GLY B 191 2.29 -52.35 8.31
C GLY B 191 1.76 -50.93 8.53
N GLY B 192 1.14 -50.36 7.49
CA GLY B 192 0.59 -49.03 7.58
C GLY B 192 -0.72 -49.00 8.33
N ASP B 193 -1.04 -47.87 8.96
CA ASP B 193 -2.29 -47.71 9.68
C ASP B 193 -3.30 -46.92 8.84
N PRO B 194 -4.34 -47.58 8.31
CA PRO B 194 -5.27 -46.83 7.46
C PRO B 194 -6.02 -45.77 8.25
N MET B 195 -5.97 -45.86 9.57
CA MET B 195 -6.69 -44.89 10.38
C MET B 195 -5.86 -43.65 10.69
N SER B 196 -4.63 -43.62 10.17
CA SER B 196 -3.81 -42.43 10.26
C SER B 196 -3.10 -42.16 8.93
N VAL B 197 -3.77 -41.41 8.07
CA VAL B 197 -3.24 -41.13 6.76
C VAL B 197 -3.11 -39.64 6.58
N THR B 198 -1.92 -39.19 6.23
CA THR B 198 -1.68 -37.79 6.04
C THR B 198 -1.31 -37.55 4.59
N LEU B 199 -2.08 -36.70 3.91
CA LEU B 199 -1.69 -36.28 2.55
C LEU B 199 -0.70 -35.13 2.63
N PHE B 200 0.37 -35.18 1.84
CA PHE B 200 1.15 -33.97 1.59
C PHE B 200 1.48 -33.84 0.11
N GLY B 201 1.70 -32.62 -0.34
CA GLY B 201 1.98 -32.36 -1.73
C GLY B 201 2.46 -30.94 -1.93
N GLU B 202 3.08 -30.68 -3.08
CA GLU B 202 3.64 -29.36 -3.35
C GLU B 202 3.09 -28.78 -4.64
N SER B 203 2.88 -27.46 -4.65
CA SER B 203 2.40 -26.78 -5.85
C SER B 203 1.05 -27.41 -6.29
N ALA B 204 0.94 -27.94 -7.49
CA ALA B 204 -0.35 -28.52 -7.91
C ALA B 204 -0.74 -29.72 -7.04
N GLY B 205 0.26 -30.41 -6.50
CA GLY B 205 0.00 -31.49 -5.55
C GLY B 205 -0.63 -30.98 -4.26
N ALA B 206 -0.23 -29.79 -3.83
CA ALA B 206 -0.85 -29.13 -2.68
C ALA B 206 -2.28 -28.71 -3.02
N ALA B 207 -2.46 -28.14 -4.20
CA ALA B 207 -3.79 -27.79 -4.68
C ALA B 207 -4.71 -29.05 -4.72
N SER B 208 -4.13 -30.18 -5.13
CA SER B 208 -4.85 -31.47 -5.15
C SER B 208 -5.27 -31.87 -3.75
N VAL B 209 -4.32 -31.82 -2.81
CA VAL B 209 -4.63 -32.08 -1.40
C VAL B 209 -5.80 -31.20 -0.95
N GLY B 210 -5.70 -29.91 -1.26
CA GLY B 210 -6.78 -28.97 -1.00
C GLY B 210 -8.12 -29.39 -1.60
N MET B 211 -8.10 -29.91 -2.82
CA MET B 211 -9.36 -30.36 -3.39
C MET B 211 -9.90 -31.64 -2.75
N HIS B 212 -9.02 -32.50 -2.23
CA HIS B 212 -9.51 -33.65 -1.48
C HIS B 212 -10.19 -33.20 -0.19
N ILE B 213 -9.66 -32.15 0.44
CA ILE B 213 -10.29 -31.58 1.63
C ILE B 213 -11.70 -31.07 1.32
N LEU B 214 -11.88 -30.52 0.12
CA LEU B 214 -13.10 -29.85 -0.27
C LEU B 214 -14.06 -30.76 -1.03
N SER B 215 -13.72 -32.04 -1.12
CA SER B 215 -14.57 -32.99 -1.82
C SER B 215 -15.00 -34.14 -0.91
N LEU B 216 -16.30 -34.23 -0.67
CA LEU B 216 -16.83 -35.14 0.35
C LEU B 216 -16.38 -36.60 0.22
N PRO B 217 -16.45 -37.18 -0.99
CA PRO B 217 -16.05 -38.60 -1.08
C PRO B 217 -14.57 -38.86 -0.72
N SER B 218 -13.71 -37.85 -0.78
CA SER B 218 -12.31 -38.00 -0.36
C SER B 218 -12.13 -38.00 1.14
N ARG B 219 -13.03 -37.31 1.85
CA ARG B 219 -12.82 -37.02 3.28
C ARG B 219 -12.69 -38.24 4.18
N SER B 220 -13.20 -39.38 3.74
CA SER B 220 -13.07 -40.59 4.54
C SER B 220 -11.78 -41.36 4.22
N LEU B 221 -10.92 -40.78 3.38
CA LEU B 221 -9.73 -41.50 2.94
C LEU B 221 -8.45 -40.95 3.56
N PHE B 222 -8.58 -39.89 4.35
CA PHE B 222 -7.42 -39.34 5.06
C PHE B 222 -7.85 -38.58 6.29
N HIS B 223 -6.89 -38.18 7.11
CA HIS B 223 -7.18 -37.57 8.42
C HIS B 223 -6.51 -36.21 8.61
N ARG B 224 -5.42 -35.96 7.88
CA ARG B 224 -4.67 -34.72 8.02
C ARG B 224 -4.03 -34.38 6.69
N ALA B 225 -3.63 -33.13 6.53
CA ALA B 225 -3.14 -32.65 5.24
C ALA B 225 -2.02 -31.63 5.37
N VAL B 226 -1.10 -31.67 4.41
CA VAL B 226 -0.03 -30.68 4.30
C VAL B 226 -0.07 -30.11 2.89
N LEU B 227 -0.11 -28.78 2.79
CA LEU B 227 -0.10 -28.12 1.50
C LEU B 227 1.10 -27.23 1.42
N GLN B 228 2.07 -27.63 0.60
CA GLN B 228 3.30 -26.86 0.41
C GLN B 228 3.22 -26.04 -0.88
N SER B 229 3.19 -24.72 -0.75
CA SER B 229 3.25 -23.82 -1.90
C SER B 229 2.15 -24.05 -2.94
N GLY B 230 0.93 -24.33 -2.51
CA GLY B 230 -0.16 -24.46 -3.44
C GLY B 230 -1.48 -24.60 -2.72
N THR B 231 -2.57 -24.23 -3.39
CA THR B 231 -3.89 -24.21 -2.76
C THR B 231 -4.94 -24.50 -3.82
N PRO B 232 -6.13 -24.96 -3.39
CA PRO B 232 -7.21 -25.19 -4.38
C PRO B 232 -7.82 -23.86 -4.83
N ASN B 233 -7.82 -22.88 -3.95
CA ASN B 233 -8.29 -21.54 -4.28
C ASN B 233 -7.18 -20.82 -5.01
N GLY B 234 -7.45 -19.65 -5.56
CA GLY B 234 -6.42 -18.94 -6.31
C GLY B 234 -6.60 -19.04 -7.81
N PRO B 235 -5.73 -18.35 -8.57
CA PRO B 235 -5.92 -18.03 -9.99
C PRO B 235 -5.67 -19.16 -11.00
N TRP B 236 -4.90 -20.17 -10.64
CA TRP B 236 -4.41 -21.14 -11.64
C TRP B 236 -4.90 -22.56 -11.45
N ALA B 237 -5.37 -22.89 -10.26
CA ALA B 237 -5.62 -24.30 -9.90
C ALA B 237 -6.94 -24.85 -10.40
N THR B 238 -7.89 -23.98 -10.73
CA THR B 238 -9.17 -24.41 -11.28
C THR B 238 -9.60 -23.57 -12.50
N VAL B 239 -10.58 -24.07 -13.23
CA VAL B 239 -11.23 -23.29 -14.27
C VAL B 239 -12.72 -23.56 -14.19
N SER B 240 -13.50 -22.65 -14.75
CA SER B 240 -14.94 -22.84 -14.79
C SER B 240 -15.30 -23.88 -15.83
N ALA B 241 -16.51 -24.44 -15.71
CA ALA B 241 -17.02 -25.36 -16.71
C ALA B 241 -16.88 -24.79 -18.12
N GLY B 242 -17.28 -23.53 -18.28
CA GLY B 242 -17.28 -22.89 -19.59
C GLY B 242 -15.89 -22.67 -20.17
N GLU B 243 -14.95 -22.30 -19.32
CA GLU B 243 -13.59 -22.11 -19.81
C GLU B 243 -12.91 -23.44 -20.12
N ALA B 244 -13.28 -24.50 -19.40
CA ALA B 244 -12.74 -25.83 -19.70
C ALA B 244 -13.27 -26.32 -21.04
N ARG B 245 -14.59 -26.24 -21.22
CA ARG B 245 -15.21 -26.60 -22.48
C ARG B 245 -14.56 -25.87 -23.64
N ARG B 246 -14.38 -24.56 -23.45
CA ARG B 246 -13.75 -23.74 -24.46
C ARG B 246 -12.36 -24.26 -24.86
N ARG B 247 -11.54 -24.56 -23.86
CA ARG B 247 -10.17 -25.00 -24.12
C ARG B 247 -10.12 -26.37 -24.81
N ALA B 248 -11.05 -27.26 -24.46
CA ALA B 248 -11.11 -28.59 -25.05
C ALA B 248 -11.50 -28.51 -26.53
N THR B 249 -12.60 -27.82 -26.83
CA THR B 249 -13.03 -27.72 -28.21
C THR B 249 -11.98 -26.98 -29.06
N LEU B 250 -11.26 -26.05 -28.44
CA LEU B 250 -10.17 -25.38 -29.16
C LEU B 250 -9.02 -26.34 -29.46
N LEU B 251 -8.69 -27.19 -28.49
CA LEU B 251 -7.64 -28.18 -28.70
C LEU B 251 -8.08 -29.17 -29.79
N ALA B 252 -9.33 -29.61 -29.71
CA ALA B 252 -9.91 -30.48 -30.72
C ALA B 252 -9.72 -29.87 -32.11
N ARG B 253 -10.14 -28.63 -32.27
CA ARG B 253 -9.98 -27.93 -33.54
C ARG B 253 -8.52 -27.95 -33.99
N LEU B 254 -7.61 -27.70 -33.05
CA LEU B 254 -6.20 -27.62 -33.37
C LEU B 254 -5.61 -28.94 -33.89
N VAL B 255 -6.24 -30.05 -33.52
CA VAL B 255 -5.73 -31.35 -33.96
C VAL B 255 -6.66 -32.01 -34.97
N GLY B 256 -7.59 -31.22 -35.50
CA GLY B 256 -8.44 -31.65 -36.59
C GLY B 256 -9.69 -32.39 -36.18
N CYS B 257 -10.27 -32.05 -35.04
CA CYS B 257 -11.47 -32.73 -34.56
C CYS B 257 -12.66 -31.79 -34.41
N ASN B 265 -21.43 -31.79 -31.06
CA ASN B 265 -21.74 -32.98 -30.28
C ASN B 265 -20.52 -33.56 -29.55
N ASP B 266 -20.61 -33.62 -28.21
CA ASP B 266 -19.46 -34.03 -27.39
C ASP B 266 -18.91 -35.42 -27.77
N THR B 267 -19.81 -36.40 -27.86
CA THR B 267 -19.44 -37.79 -28.12
C THR B 267 -18.53 -37.94 -29.35
N GLU B 268 -18.84 -37.22 -30.40
CA GLU B 268 -18.07 -37.33 -31.63
C GLU B 268 -16.75 -36.58 -31.50
N LEU B 269 -16.78 -35.46 -30.77
CA LEU B 269 -15.56 -34.69 -30.55
C LEU B 269 -14.57 -35.54 -29.76
N ILE B 270 -15.06 -36.17 -28.70
CA ILE B 270 -14.21 -36.98 -27.85
C ILE B 270 -13.73 -38.26 -28.54
N ALA B 271 -14.59 -38.86 -29.36
CA ALA B 271 -14.20 -40.06 -30.09
C ALA B 271 -13.04 -39.75 -31.02
N CYS B 272 -13.11 -38.61 -31.69
CA CYS B 272 -12.00 -38.22 -32.57
C CYS B 272 -10.73 -37.89 -31.78
N LEU B 273 -10.87 -37.27 -30.61
CA LEU B 273 -9.72 -37.04 -29.74
C LEU B 273 -9.10 -38.35 -29.27
N ARG B 274 -9.94 -39.36 -29.03
CA ARG B 274 -9.42 -40.65 -28.58
C ARG B 274 -8.55 -41.37 -29.61
N THR B 275 -8.68 -40.99 -30.88
CA THR B 275 -7.88 -41.61 -31.94
C THR B 275 -6.55 -40.93 -32.15
N ARG B 276 -6.29 -39.85 -31.40
CA ARG B 276 -5.06 -39.12 -31.65
C ARG B 276 -3.88 -39.67 -30.85
N PRO B 277 -2.74 -39.88 -31.51
CA PRO B 277 -1.54 -40.24 -30.75
C PRO B 277 -1.31 -39.23 -29.62
N ALA B 278 -0.83 -39.73 -28.48
CA ALA B 278 -0.64 -38.91 -27.30
C ALA B 278 0.12 -37.62 -27.56
N GLN B 279 1.20 -37.69 -28.33
CA GLN B 279 2.05 -36.51 -28.53
C GLN B 279 1.38 -35.44 -29.38
N ASP B 280 0.36 -35.82 -30.15
CA ASP B 280 -0.39 -34.84 -30.93
C ASP B 280 -1.15 -33.93 -29.99
N LEU B 281 -1.68 -34.50 -28.92
CA LEU B 281 -2.38 -33.71 -27.90
C LEU B 281 -1.41 -32.77 -27.18
N VAL B 282 -0.31 -33.30 -26.68
CA VAL B 282 0.70 -32.51 -26.02
C VAL B 282 1.22 -31.35 -26.89
N ASP B 283 1.42 -31.62 -28.19
CA ASP B 283 1.93 -30.61 -29.12
C ASP B 283 1.12 -29.30 -29.12
N HIS B 284 -0.18 -29.39 -28.85
CA HIS B 284 -1.04 -28.20 -28.86
C HIS B 284 -1.52 -27.78 -27.48
N GLU B 285 -1.03 -28.46 -26.45
CA GLU B 285 -1.46 -28.23 -25.08
C GLU B 285 -1.38 -26.76 -24.67
N TRP B 286 -0.23 -26.15 -24.95
CA TRP B 286 0.03 -24.79 -24.52
C TRP B 286 -0.67 -23.73 -25.39
N HIS B 287 -1.34 -24.16 -26.45
CA HIS B 287 -1.87 -23.20 -27.41
C HIS B 287 -3.29 -22.76 -27.12
N VAL B 288 -3.88 -23.25 -26.03
CA VAL B 288 -5.27 -22.93 -25.73
C VAL B 288 -5.47 -21.88 -24.61
N LEU B 289 -4.39 -21.38 -24.03
CA LEU B 289 -4.50 -20.36 -22.97
C LEU B 289 -5.10 -19.07 -23.52
N PRO B 290 -5.96 -18.41 -22.74
CA PRO B 290 -6.65 -17.19 -23.20
C PRO B 290 -5.70 -16.01 -23.42
N GLN B 291 -4.66 -15.89 -22.60
CA GLN B 291 -3.72 -14.77 -22.70
C GLN B 291 -2.29 -15.25 -22.62
N GLU B 292 -1.37 -14.39 -23.06
CA GLU B 292 0.04 -14.60 -22.83
C GLU B 292 0.20 -14.54 -21.32
N SER B 293 0.83 -15.55 -20.73
CA SER B 293 0.86 -15.63 -19.28
C SER B 293 2.00 -16.47 -18.79
N ILE B 294 2.28 -16.36 -17.50
CA ILE B 294 3.07 -17.35 -16.79
C ILE B 294 2.24 -17.85 -15.62
N PHE B 295 2.67 -18.93 -14.99
CA PHE B 295 1.94 -19.54 -13.89
C PHE B 295 0.49 -19.80 -14.25
N ARG B 296 0.29 -20.30 -15.46
CA ARG B 296 -1.04 -20.59 -15.93
C ARG B 296 -0.93 -21.85 -16.78
N PHE B 297 -1.89 -22.75 -16.63
CA PHE B 297 -1.80 -24.07 -17.23
C PHE B 297 -3.12 -24.45 -17.87
N SER B 298 -3.04 -25.09 -19.04
CA SER B 298 -4.21 -25.28 -19.89
C SER B 298 -5.25 -26.25 -19.36
N PHE B 299 -4.80 -27.35 -18.78
CA PHE B 299 -5.77 -28.37 -18.34
C PHE B 299 -5.59 -28.70 -16.87
N VAL B 300 -6.55 -28.21 -16.08
CA VAL B 300 -6.46 -28.28 -14.63
C VAL B 300 -7.84 -28.67 -14.14
N PRO B 301 -7.98 -28.93 -12.84
CA PRO B 301 -9.29 -29.32 -12.29
C PRO B 301 -10.35 -28.30 -12.69
N VAL B 302 -11.58 -28.78 -12.84
CA VAL B 302 -12.66 -27.92 -13.34
C VAL B 302 -13.78 -27.86 -12.32
N VAL B 303 -14.40 -26.70 -12.17
CA VAL B 303 -15.53 -26.64 -11.23
C VAL B 303 -16.71 -27.28 -11.94
N ASP B 304 -16.94 -28.55 -11.63
CA ASP B 304 -17.91 -29.37 -12.36
C ASP B 304 -19.25 -29.49 -11.65
N GLY B 305 -19.33 -28.99 -10.43
CA GLY B 305 -20.48 -29.22 -9.58
C GLY B 305 -20.56 -30.66 -9.11
N ASP B 306 -19.49 -31.42 -9.32
CA ASP B 306 -19.47 -32.83 -8.92
C ASP B 306 -18.32 -33.09 -7.94
N PHE B 307 -17.11 -33.31 -8.46
CA PHE B 307 -15.95 -33.41 -7.59
C PHE B 307 -15.87 -32.14 -6.76
N LEU B 308 -15.90 -31.01 -7.44
CA LEU B 308 -16.01 -29.71 -6.78
C LEU B 308 -17.43 -29.19 -6.95
N SER B 309 -18.21 -29.27 -5.87
CA SER B 309 -19.61 -28.82 -5.89
C SER B 309 -19.77 -27.32 -6.13
N ASP B 310 -18.81 -26.52 -5.70
CA ASP B 310 -18.78 -25.09 -6.00
C ASP B 310 -17.32 -24.69 -6.20
N THR B 311 -17.05 -23.40 -6.35
CA THR B 311 -15.67 -22.94 -6.46
C THR B 311 -14.95 -23.20 -5.14
N PRO B 312 -13.63 -23.44 -5.19
CA PRO B 312 -12.90 -23.61 -3.93
C PRO B 312 -13.07 -22.40 -3.04
N GLU B 313 -13.03 -21.22 -3.62
CA GLU B 313 -13.27 -19.99 -2.86
C GLU B 313 -14.59 -20.06 -2.06
N ALA B 314 -15.67 -20.42 -2.75
CA ALA B 314 -16.95 -20.61 -2.08
C ALA B 314 -16.90 -21.67 -0.97
N LEU B 315 -16.28 -22.81 -1.29
CA LEU B 315 -16.27 -23.94 -0.37
C LEU B 315 -15.45 -23.69 0.90
N ILE B 316 -14.34 -22.97 0.76
CA ILE B 316 -13.55 -22.68 1.95
C ILE B 316 -14.25 -21.61 2.81
N ASN B 317 -14.97 -20.69 2.15
CA ASN B 317 -15.70 -19.64 2.87
C ASN B 317 -16.85 -20.17 3.73
N THR B 318 -17.45 -21.27 3.29
CA THR B 318 -18.67 -21.75 3.94
C THR B 318 -18.50 -23.08 4.67
N GLY B 319 -17.35 -23.73 4.51
CA GLY B 319 -17.16 -25.05 5.07
C GLY B 319 -16.95 -25.08 6.58
N ASP B 320 -17.22 -26.22 7.19
CA ASP B 320 -16.91 -26.43 8.60
C ASP B 320 -15.69 -27.34 8.69
N PHE B 321 -14.59 -26.81 9.23
CA PHE B 321 -13.33 -27.54 9.25
C PHE B 321 -12.88 -27.98 10.63
N GLN B 322 -13.84 -28.00 11.56
CA GLN B 322 -13.61 -28.42 12.93
C GLN B 322 -12.75 -29.68 13.05
N ASP B 323 -12.91 -30.61 12.12
CA ASP B 323 -12.26 -31.92 12.28
C ASP B 323 -10.85 -31.99 11.67
N LEU B 324 -10.41 -30.90 11.07
CA LEU B 324 -9.23 -30.88 10.21
C LEU B 324 -7.96 -30.32 10.88
N GLN B 325 -6.85 -31.04 10.76
CA GLN B 325 -5.54 -30.43 11.02
C GLN B 325 -4.76 -30.23 9.73
N VAL B 326 -4.20 -29.03 9.55
CA VAL B 326 -3.48 -28.70 8.33
C VAL B 326 -2.16 -28.00 8.61
N LEU B 327 -1.14 -28.35 7.84
CA LEU B 327 0.14 -27.66 7.82
C LEU B 327 0.31 -27.03 6.43
N VAL B 328 0.54 -25.72 6.37
CA VAL B 328 0.66 -25.03 5.08
C VAL B 328 1.82 -24.06 5.14
N GLY B 329 2.37 -23.75 3.97
CA GLY B 329 3.53 -22.88 3.94
C GLY B 329 3.99 -22.55 2.55
N VAL B 330 5.01 -21.70 2.48
CA VAL B 330 5.50 -21.18 1.24
C VAL B 330 7.03 -21.11 1.34
N VAL B 331 7.70 -20.99 0.20
CA VAL B 331 9.13 -20.72 0.19
C VAL B 331 9.34 -19.22 0.02
N LYS B 332 10.57 -18.78 0.24
CA LYS B 332 10.86 -17.35 0.28
C LYS B 332 10.68 -16.66 -1.07
N ASP B 333 10.86 -17.39 -2.17
CA ASP B 333 10.79 -16.73 -3.48
C ASP B 333 9.89 -17.46 -4.46
N GLU B 334 8.62 -17.59 -4.12
CA GLU B 334 7.68 -18.37 -4.91
C GLU B 334 7.70 -18.06 -6.40
N GLY B 335 7.90 -16.80 -6.77
CA GLY B 335 7.69 -16.40 -8.16
C GLY B 335 8.88 -16.43 -9.11
N SER B 336 10.09 -16.44 -8.57
CA SER B 336 11.29 -16.19 -9.36
C SER B 336 11.42 -17.18 -10.52
N TYR B 337 11.24 -18.45 -10.20
CA TYR B 337 11.31 -19.55 -11.14
C TYR B 337 10.53 -19.29 -12.44
N PHE B 338 9.29 -18.82 -12.30
CA PHE B 338 8.36 -18.72 -13.42
C PHE B 338 8.69 -17.61 -14.39
N LEU B 339 9.55 -16.68 -13.96
CA LEU B 339 9.80 -15.48 -14.75
C LEU B 339 10.53 -15.79 -16.04
N VAL B 340 11.48 -16.73 -15.97
CA VAL B 340 12.27 -17.14 -17.13
C VAL B 340 11.48 -17.95 -18.15
N TYR B 341 10.18 -18.17 -17.89
CA TYR B 341 9.34 -18.95 -18.80
C TYR B 341 8.31 -18.10 -19.52
N GLY B 342 8.51 -16.79 -19.56
CA GLY B 342 7.55 -15.95 -20.26
C GLY B 342 7.75 -14.45 -20.17
N VAL B 343 8.55 -14.00 -19.20
CA VAL B 343 8.72 -12.57 -19.01
C VAL B 343 10.01 -12.04 -19.62
N PRO B 344 9.88 -11.15 -20.62
CA PRO B 344 11.05 -10.57 -21.27
C PRO B 344 11.97 -9.89 -20.27
N GLY B 345 13.25 -10.23 -20.31
CA GLY B 345 14.23 -9.64 -19.43
C GLY B 345 14.79 -10.65 -18.45
N PHE B 346 14.11 -11.79 -18.33
CA PHE B 346 14.52 -12.75 -17.31
C PHE B 346 15.18 -13.99 -17.90
N SER B 347 16.23 -14.44 -17.24
CA SER B 347 17.01 -15.57 -17.69
C SER B 347 17.78 -16.09 -16.51
N LYS B 348 18.05 -17.40 -16.51
CA LYS B 348 18.85 -17.98 -15.44
C LYS B 348 20.31 -17.63 -15.65
N ASP B 349 20.64 -17.12 -16.82
CA ASP B 349 22.05 -16.96 -17.21
C ASP B 349 22.66 -15.57 -16.95
N ASN B 350 21.81 -14.55 -16.82
CA ASN B 350 22.25 -13.25 -16.33
C ASN B 350 21.43 -12.82 -15.10
N GLU B 351 21.77 -11.68 -14.50
CA GLU B 351 21.10 -11.22 -13.30
C GLU B 351 19.70 -10.62 -13.53
N SER B 352 19.25 -10.66 -14.77
CA SER B 352 17.89 -10.24 -15.13
C SER B 352 17.48 -8.90 -14.52
N LEU B 353 18.42 -7.97 -14.43
CA LEU B 353 18.10 -6.60 -14.01
C LEU B 353 17.22 -5.98 -15.07
N ILE B 354 16.01 -5.56 -14.69
CA ILE B 354 15.06 -5.09 -15.69
C ILE B 354 14.77 -3.60 -15.56
N SER B 355 14.09 -3.08 -16.57
CA SER B 355 13.77 -1.67 -16.62
C SER B 355 12.34 -1.49 -16.15
N ARG B 356 11.94 -0.26 -15.92
CA ARG B 356 10.58 0.03 -15.50
C ARG B 356 9.58 -0.41 -16.56
N ALA B 357 9.91 -0.18 -17.82
CA ALA B 357 9.00 -0.54 -18.91
C ALA B 357 8.82 -2.06 -18.95
N GLN B 358 9.91 -2.79 -18.74
CA GLN B 358 9.86 -4.25 -18.71
C GLN B 358 9.09 -4.78 -17.50
N PHE B 359 9.05 -3.97 -16.44
CA PHE B 359 8.28 -4.30 -15.26
C PHE B 359 6.79 -4.20 -15.52
N LEU B 360 6.35 -3.11 -16.15
CA LEU B 360 4.92 -2.96 -16.46
C LEU B 360 4.49 -4.05 -17.46
N ALA B 361 5.41 -4.45 -18.32
CA ALA B 361 5.13 -5.50 -19.29
C ALA B 361 4.99 -6.83 -18.56
N GLY B 362 5.95 -7.13 -17.70
CA GLY B 362 5.93 -8.35 -16.91
C GLY B 362 4.61 -8.51 -16.17
N VAL B 363 4.09 -7.42 -15.63
CA VAL B 363 2.87 -7.47 -14.81
C VAL B 363 1.63 -7.92 -15.58
N ARG B 364 1.46 -7.48 -16.82
CA ARG B 364 0.30 -7.90 -17.62
C ARG B 364 0.39 -9.40 -17.93
N ILE B 365 1.60 -9.93 -17.90
CA ILE B 365 1.82 -11.32 -18.21
C ILE B 365 1.70 -12.16 -16.96
N GLY B 366 2.22 -11.63 -15.85
CA GLY B 366 2.17 -12.29 -14.55
C GLY B 366 0.79 -12.21 -13.93
N VAL B 367 -0.03 -11.29 -14.41
CA VAL B 367 -1.38 -11.14 -13.89
C VAL B 367 -2.31 -11.00 -15.07
N PRO B 368 -2.37 -12.05 -15.90
CA PRO B 368 -2.94 -12.07 -17.25
C PRO B 368 -4.42 -11.71 -17.26
N GLN B 369 -5.10 -11.99 -16.17
N GLN B 369 -5.10 -11.96 -16.16
CA GLN B 369 -6.53 -11.72 -16.09
CA GLN B 369 -6.53 -11.70 -16.04
C GLN B 369 -6.82 -10.30 -15.57
C GLN B 369 -6.81 -10.23 -15.80
N ALA B 370 -5.77 -9.49 -15.42
CA ALA B 370 -5.93 -8.12 -14.91
C ALA B 370 -6.28 -7.07 -15.96
N SER B 371 -7.30 -6.27 -15.64
CA SER B 371 -7.64 -5.07 -16.41
C SER B 371 -6.51 -4.05 -16.36
N ASP B 372 -6.61 -3.01 -17.18
CA ASP B 372 -5.58 -1.97 -17.19
C ASP B 372 -5.44 -1.33 -15.81
N LEU B 373 -6.58 -1.01 -15.20
CA LEU B 373 -6.60 -0.32 -13.94
C LEU B 373 -6.01 -1.20 -12.83
N ALA B 374 -6.38 -2.48 -12.85
CA ALA B 374 -5.86 -3.45 -11.87
C ALA B 374 -4.35 -3.63 -12.02
N ALA B 375 -3.89 -3.66 -13.26
CA ALA B 375 -2.46 -3.79 -13.55
C ALA B 375 -1.71 -2.56 -13.08
N GLU B 376 -2.34 -1.40 -13.21
CA GLU B 376 -1.76 -0.17 -12.68
C GLU B 376 -1.71 -0.23 -11.15
N ALA B 377 -2.79 -0.67 -10.52
CA ALA B 377 -2.79 -0.88 -9.09
C ALA B 377 -1.62 -1.76 -8.65
N VAL B 378 -1.36 -2.85 -9.38
CA VAL B 378 -0.31 -3.77 -8.97
C VAL B 378 1.04 -3.07 -9.06
N VAL B 379 1.26 -2.40 -10.19
CA VAL B 379 2.52 -1.72 -10.41
C VAL B 379 2.81 -0.69 -9.33
N LEU B 380 1.81 0.11 -8.99
CA LEU B 380 1.97 1.18 -8.02
C LEU B 380 2.15 0.63 -6.61
N HIS B 381 1.50 -0.49 -6.32
CA HIS B 381 1.66 -1.13 -5.02
C HIS B 381 3.08 -1.68 -4.85
N TYR B 382 3.60 -2.28 -5.92
CA TYR B 382 4.88 -3.01 -5.85
C TYR B 382 6.11 -2.18 -6.17
N THR B 383 5.91 -1.04 -6.81
CA THR B 383 7.01 -0.09 -7.00
C THR B 383 7.51 0.43 -5.65
N ASP B 384 8.83 0.42 -5.47
CA ASP B 384 9.43 1.09 -4.32
C ASP B 384 9.68 2.56 -4.70
N TRP B 385 8.86 3.45 -4.16
CA TRP B 385 8.85 4.85 -4.62
C TRP B 385 10.06 5.66 -4.17
N LEU B 386 10.88 5.08 -3.30
CA LEU B 386 12.20 5.65 -3.02
C LEU B 386 13.18 5.34 -4.14
N HIS B 387 12.98 4.20 -4.81
CA HIS B 387 13.81 3.77 -5.92
C HIS B 387 12.97 3.20 -7.07
N PRO B 388 12.14 4.06 -7.68
CA PRO B 388 11.16 3.69 -8.71
C PRO B 388 11.75 3.01 -9.94
N GLU B 389 13.02 3.30 -10.26
CA GLU B 389 13.59 2.80 -11.51
C GLU B 389 14.76 1.85 -11.33
N ASP B 390 15.10 1.57 -10.07
CA ASP B 390 16.19 0.65 -9.80
C ASP B 390 15.91 -0.77 -10.30
N PRO B 391 16.66 -1.22 -11.32
CA PRO B 391 16.55 -2.56 -11.92
C PRO B 391 16.54 -3.71 -10.90
N THR B 392 17.39 -3.68 -9.88
CA THR B 392 17.36 -4.75 -8.88
C THR B 392 16.02 -4.81 -8.15
N HIS B 393 15.50 -3.68 -7.69
CA HIS B 393 14.21 -3.72 -7.03
CA HIS B 393 14.20 -3.64 -7.04
C HIS B 393 13.10 -4.13 -7.98
N LEU B 394 13.16 -3.65 -9.22
CA LEU B 394 12.15 -3.98 -10.19
C LEU B 394 12.10 -5.48 -10.49
N ARG B 395 13.27 -6.11 -10.53
CA ARG B 395 13.37 -7.54 -10.75
C ARG B 395 12.75 -8.30 -9.57
N ASP B 396 13.21 -7.97 -8.37
CA ASP B 396 12.68 -8.58 -7.16
C ASP B 396 11.19 -8.32 -6.98
N ALA B 397 10.71 -7.18 -7.45
CA ALA B 397 9.30 -6.87 -7.36
C ALA B 397 8.49 -7.75 -8.32
N MET B 398 9.04 -7.95 -9.53
CA MET B 398 8.38 -8.80 -10.52
C MET B 398 8.17 -10.22 -9.96
N SER B 399 9.20 -10.75 -9.33
CA SER B 399 9.11 -12.05 -8.67
C SER B 399 8.05 -12.06 -7.55
N ALA B 400 8.09 -11.02 -6.71
CA ALA B 400 7.13 -10.89 -5.61
C ALA B 400 5.69 -10.87 -6.14
N VAL B 401 5.41 -10.09 -7.18
CA VAL B 401 4.08 -10.05 -7.79
C VAL B 401 3.58 -11.44 -8.19
N VAL B 402 4.44 -12.19 -8.87
CA VAL B 402 4.06 -13.48 -9.39
C VAL B 402 3.86 -14.45 -8.23
N GLY B 403 4.82 -14.46 -7.30
CA GLY B 403 4.74 -15.32 -6.13
C GLY B 403 3.56 -15.00 -5.21
N ASP B 404 3.28 -13.70 -5.03
CA ASP B 404 2.22 -13.28 -4.12
C ASP B 404 0.86 -13.63 -4.69
N HIS B 405 0.67 -13.24 -5.94
CA HIS B 405 -0.58 -13.46 -6.65
C HIS B 405 -0.91 -14.96 -6.77
N ASN B 406 0.09 -15.78 -7.03
CA ASN B 406 -0.16 -17.19 -7.30
C ASN B 406 -0.07 -18.15 -6.12
N VAL B 407 0.75 -17.82 -5.12
CA VAL B 407 0.96 -18.72 -3.99
C VAL B 407 0.76 -18.11 -2.59
N VAL B 408 1.58 -17.11 -2.24
CA VAL B 408 1.56 -16.59 -0.87
C VAL B 408 0.18 -16.09 -0.43
N CYS B 409 -0.45 -15.25 -1.23
CA CYS B 409 -1.72 -14.69 -0.81
C CYS B 409 -2.85 -15.71 -0.85
N PRO B 410 -2.90 -16.55 -1.91
CA PRO B 410 -3.84 -17.69 -1.88
C PRO B 410 -3.63 -18.60 -0.67
N VAL B 411 -2.38 -18.78 -0.24
CA VAL B 411 -2.10 -19.55 1.00
C VAL B 411 -2.54 -18.79 2.26
N ALA B 412 -2.29 -17.48 2.32
CA ALA B 412 -2.72 -16.67 3.48
C ALA B 412 -4.24 -16.72 3.60
N GLN B 413 -4.91 -16.58 2.46
CA GLN B 413 -6.36 -16.70 2.38
C GLN B 413 -6.88 -18.04 2.90
N LEU B 414 -6.33 -19.14 2.39
CA LEU B 414 -6.74 -20.46 2.83
C LEU B 414 -6.51 -20.65 4.34
N ALA B 415 -5.29 -20.39 4.81
CA ALA B 415 -4.96 -20.48 6.24
C ALA B 415 -5.99 -19.76 7.10
N GLY B 416 -6.33 -18.54 6.69
CA GLY B 416 -7.26 -17.71 7.45
C GLY B 416 -8.68 -18.26 7.50
N ARG B 417 -9.18 -18.72 6.36
CA ARG B 417 -10.52 -19.30 6.33
C ARG B 417 -10.56 -20.59 7.12
N LEU B 418 -9.55 -21.44 6.97
CA LEU B 418 -9.54 -22.71 7.69
C LEU B 418 -9.49 -22.48 9.21
N ALA B 419 -8.58 -21.61 9.65
CA ALA B 419 -8.48 -21.34 11.08
C ALA B 419 -9.79 -20.76 11.61
N ALA B 420 -10.37 -19.84 10.85
CA ALA B 420 -11.59 -19.16 11.27
C ALA B 420 -12.78 -20.10 11.32
N GLN B 421 -12.72 -21.20 10.59
CA GLN B 421 -13.85 -22.11 10.56
C GLN B 421 -13.55 -23.45 11.19
N GLY B 422 -12.74 -23.42 12.24
CA GLY B 422 -12.58 -24.56 13.12
C GLY B 422 -11.32 -25.38 12.96
N ALA B 423 -10.62 -25.22 11.84
CA ALA B 423 -9.46 -26.06 11.57
C ALA B 423 -8.27 -25.73 12.46
N ARG B 424 -7.48 -26.75 12.75
CA ARG B 424 -6.20 -26.55 13.39
C ARG B 424 -5.17 -26.34 12.29
N VAL B 425 -4.55 -25.17 12.28
CA VAL B 425 -3.66 -24.79 11.18
C VAL B 425 -2.26 -24.46 11.68
N TYR B 426 -1.23 -24.98 11.01
CA TYR B 426 0.15 -24.54 11.25
C TYR B 426 0.73 -24.00 9.97
N ALA B 427 1.47 -22.90 10.06
CA ALA B 427 1.99 -22.26 8.86
C ALA B 427 3.48 -21.99 8.96
N TYR B 428 4.16 -21.96 7.82
CA TYR B 428 5.60 -21.74 7.81
C TYR B 428 6.00 -20.96 6.57
N ILE B 429 7.20 -20.39 6.62
CA ILE B 429 7.87 -19.93 5.43
C ILE B 429 9.27 -20.56 5.43
N PHE B 430 9.63 -21.17 4.30
CA PHE B 430 10.88 -21.89 4.18
C PHE B 430 11.92 -20.97 3.55
N GLU B 431 13.02 -20.74 4.25
CA GLU B 431 13.92 -19.64 3.84
C GLU B 431 15.35 -20.08 3.52
N HIS B 432 15.64 -21.36 3.68
CA HIS B 432 16.97 -21.86 3.35
C HIS B 432 17.17 -22.19 1.86
N ARG B 433 18.14 -21.53 1.23
CA ARG B 433 18.55 -21.85 -0.14
C ARG B 433 19.60 -22.99 -0.17
N ALA B 434 19.26 -24.11 -0.79
CA ALA B 434 20.17 -25.26 -0.83
C ALA B 434 21.55 -24.87 -1.34
N SER B 435 22.59 -25.37 -0.69
CA SER B 435 23.95 -25.11 -1.13
C SER B 435 24.18 -25.74 -2.50
N THR B 436 23.42 -26.78 -2.82
CA THR B 436 23.60 -27.48 -4.09
C THR B 436 22.77 -26.93 -5.24
N LEU B 437 22.10 -25.79 -5.03
CA LEU B 437 21.16 -25.25 -6.01
C LEU B 437 21.85 -24.77 -7.27
N THR B 438 21.27 -25.07 -8.43
CA THR B 438 21.91 -24.72 -9.70
C THR B 438 21.36 -23.46 -10.37
N TRP B 439 20.19 -22.99 -9.93
CA TRP B 439 19.65 -21.72 -10.43
C TRP B 439 20.44 -20.53 -9.88
N PRO B 440 20.42 -19.39 -10.58
CA PRO B 440 21.22 -18.25 -10.14
C PRO B 440 20.80 -17.71 -8.76
N LEU B 441 21.70 -16.97 -8.13
CA LEU B 441 21.41 -16.39 -6.82
C LEU B 441 20.17 -15.48 -6.80
N TRP B 442 19.94 -14.75 -7.88
CA TRP B 442 18.87 -13.77 -7.87
C TRP B 442 17.50 -14.42 -7.70
N MET B 443 17.41 -15.73 -7.92
CA MET B 443 16.15 -16.43 -7.82
C MET B 443 15.82 -16.84 -6.38
N GLY B 444 16.81 -16.71 -5.50
CA GLY B 444 16.63 -16.95 -4.09
C GLY B 444 16.36 -18.40 -3.70
N VAL B 445 15.27 -18.60 -2.95
CA VAL B 445 14.78 -19.93 -2.63
C VAL B 445 13.58 -20.17 -3.52
N PRO B 446 13.77 -20.88 -4.64
CA PRO B 446 12.70 -20.95 -5.64
C PRO B 446 11.61 -21.97 -5.31
N HIS B 447 10.47 -21.80 -5.95
CA HIS B 447 9.35 -22.73 -5.88
C HIS B 447 9.81 -24.18 -6.04
N GLY B 448 9.57 -25.02 -5.02
CA GLY B 448 9.86 -26.44 -5.15
C GLY B 448 11.14 -26.91 -4.48
N TYR B 449 11.99 -25.97 -4.04
CA TYR B 449 13.28 -26.34 -3.45
C TYR B 449 13.32 -26.56 -1.93
N GLU B 450 12.15 -26.72 -1.32
CA GLU B 450 12.08 -27.20 0.06
C GLU B 450 11.91 -28.72 0.08
N ILE B 451 11.43 -29.27 -1.03
CA ILE B 451 11.06 -30.68 -1.11
C ILE B 451 12.22 -31.65 -0.81
N GLU B 452 13.37 -31.38 -1.39
CA GLU B 452 14.52 -32.25 -1.19
C GLU B 452 14.90 -32.32 0.30
N PHE B 453 14.63 -31.24 1.05
CA PHE B 453 14.86 -31.24 2.50
C PHE B 453 13.83 -32.02 3.30
N ILE B 454 12.55 -31.83 3.00
CA ILE B 454 11.48 -32.60 3.63
C ILE B 454 11.67 -34.11 3.43
N PHE B 455 12.06 -34.51 2.21
CA PHE B 455 12.23 -35.93 1.91
C PHE B 455 13.54 -36.48 2.49
N GLY B 456 14.41 -35.58 2.93
CA GLY B 456 15.62 -35.97 3.64
C GLY B 456 16.82 -36.32 2.78
N LEU B 457 16.85 -35.83 1.55
CA LEU B 457 17.93 -36.12 0.63
C LEU B 457 19.32 -35.72 1.14
N PRO B 458 19.41 -34.65 1.96
CA PRO B 458 20.74 -34.33 2.45
C PRO B 458 21.37 -35.44 3.31
N LEU B 459 20.59 -36.40 3.78
CA LEU B 459 21.13 -37.52 4.54
C LEU B 459 21.98 -38.46 3.69
N ASP B 460 21.96 -38.25 2.38
CA ASP B 460 22.75 -39.07 1.46
C ASP B 460 24.06 -38.37 1.20
N PRO B 461 25.15 -38.91 1.78
CA PRO B 461 26.48 -38.30 1.80
C PRO B 461 27.01 -38.00 0.39
N SER B 462 26.61 -38.81 -0.57
CA SER B 462 27.07 -38.62 -1.94
C SER B 462 26.46 -37.40 -2.61
N LEU B 463 25.53 -36.74 -1.93
CA LEU B 463 24.85 -35.60 -2.56
C LEU B 463 25.54 -34.27 -2.26
N ASN B 464 26.45 -34.28 -1.31
CA ASN B 464 27.30 -33.12 -1.05
C ASN B 464 26.62 -31.97 -0.33
N TYR B 465 25.51 -32.22 0.34
CA TYR B 465 24.91 -31.19 1.17
C TYR B 465 25.80 -30.96 2.38
N THR B 466 25.83 -29.74 2.91
CA THR B 466 26.62 -29.45 4.09
C THR B 466 26.04 -30.16 5.31
N THR B 467 26.85 -30.22 6.37
CA THR B 467 26.44 -30.93 7.56
C THR B 467 25.32 -30.18 8.31
N GLU B 468 25.29 -28.86 8.18
CA GLU B 468 24.22 -28.06 8.77
C GLU B 468 22.91 -28.39 8.06
N GLU B 469 23.00 -28.54 6.74
CA GLU B 469 21.86 -28.92 5.93
C GLU B 469 21.32 -30.28 6.30
N ARG B 470 22.22 -31.23 6.55
CA ARG B 470 21.81 -32.56 6.94
C ARG B 470 21.05 -32.52 8.27
N ILE B 471 21.54 -31.73 9.21
CA ILE B 471 20.86 -31.48 10.49
C ILE B 471 19.48 -30.80 10.32
N PHE B 472 19.43 -29.82 9.42
CA PHE B 472 18.20 -29.16 9.01
C PHE B 472 17.17 -30.16 8.48
N ALA B 473 17.58 -30.98 7.51
CA ALA B 473 16.67 -31.96 6.93
C ALA B 473 16.08 -32.84 8.02
N GLN B 474 16.90 -33.26 8.96
CA GLN B 474 16.41 -34.13 10.03
C GLN B 474 15.33 -33.41 10.85
N ARG B 475 15.51 -32.11 11.08
CA ARG B 475 14.52 -31.30 11.79
C ARG B 475 13.18 -31.33 11.04
N LEU B 476 13.23 -31.06 9.73
CA LEU B 476 12.02 -30.99 8.92
C LEU B 476 11.28 -32.32 8.87
N MET B 477 12.03 -33.41 8.72
CA MET B 477 11.42 -34.73 8.68
C MET B 477 10.68 -34.97 9.98
N LYS B 478 11.21 -34.43 11.07
CA LYS B 478 10.59 -34.58 12.39
C LYS B 478 9.28 -33.81 12.47
N TYR B 479 9.30 -32.54 12.01
CA TYR B 479 8.09 -31.72 12.04
C TYR B 479 7.01 -32.40 11.23
N TRP B 480 7.34 -32.76 9.98
CA TRP B 480 6.37 -33.40 9.09
C TRP B 480 5.81 -34.70 9.66
N THR B 481 6.69 -35.59 10.12
CA THR B 481 6.24 -36.88 10.62
C THR B 481 5.53 -36.73 11.96
N ASN B 482 5.99 -35.81 12.80
CA ASN B 482 5.23 -35.51 14.02
C ASN B 482 3.86 -35.00 13.70
N PHE B 483 3.77 -34.12 12.72
CA PHE B 483 2.46 -33.69 12.26
C PHE B 483 1.64 -34.90 11.76
N ALA B 484 2.25 -35.79 10.98
CA ALA B 484 1.53 -36.98 10.51
C ALA B 484 0.97 -37.81 11.66
N ARG B 485 1.80 -38.02 12.68
CA ARG B 485 1.45 -38.85 13.82
C ARG B 485 0.36 -38.24 14.71
N THR B 486 0.38 -36.91 14.85
CA THR B 486 -0.38 -36.27 15.92
C THR B 486 -1.23 -35.06 15.49
N GLY B 487 -0.98 -34.52 14.31
CA GLY B 487 -1.65 -33.30 13.89
C GLY B 487 -0.97 -32.07 14.46
N ASP B 488 0.17 -32.28 15.12
CA ASP B 488 0.94 -31.22 15.72
C ASP B 488 2.42 -31.45 15.38
N PRO B 489 3.06 -30.49 14.70
CA PRO B 489 4.44 -30.71 14.27
C PRO B 489 5.44 -30.59 15.41
N ASN B 490 4.99 -30.22 16.60
CA ASN B 490 5.91 -30.03 17.71
C ASN B 490 6.43 -31.35 18.26
N ASP B 491 7.73 -31.40 18.49
CA ASP B 491 8.37 -32.59 19.06
C ASP B 491 7.89 -32.82 20.50
N PRO B 492 7.19 -33.93 20.74
CA PRO B 492 6.60 -34.23 22.06
C PRO B 492 7.66 -34.57 23.10
N ARG B 493 8.88 -34.87 22.64
CA ARG B 493 9.98 -35.22 23.53
C ARG B 493 10.95 -34.06 23.62
N ASP B 494 10.43 -32.87 23.39
CA ASP B 494 11.26 -31.69 23.37
C ASP B 494 10.59 -30.52 24.09
N SER B 495 11.10 -30.19 25.27
CA SER B 495 10.86 -28.87 25.83
C SER B 495 11.91 -27.95 25.21
N LYS B 496 11.68 -26.65 25.27
CA LYS B 496 12.54 -25.69 24.58
C LYS B 496 12.57 -25.93 23.06
N SER B 497 12.44 -24.85 22.29
CA SER B 497 12.47 -24.93 20.83
C SER B 497 12.62 -23.60 20.05
N PRO B 498 11.71 -22.62 20.25
CA PRO B 498 10.46 -22.57 21.01
C PRO B 498 9.40 -23.33 20.27
N GLN B 499 8.19 -23.41 20.80
CA GLN B 499 7.18 -24.22 20.13
C GLN B 499 6.67 -23.55 18.85
N TRP B 500 6.21 -24.38 17.92
CA TRP B 500 5.55 -23.89 16.73
C TRP B 500 4.06 -23.69 17.08
N PRO B 501 3.59 -22.43 17.13
CA PRO B 501 2.20 -22.19 17.53
C PRO B 501 1.24 -22.37 16.36
N PRO B 502 -0.02 -22.72 16.64
CA PRO B 502 -1.04 -22.78 15.58
C PRO B 502 -1.24 -21.41 14.94
N TYR B 503 -1.52 -21.39 13.65
CA TYR B 503 -1.92 -20.16 12.98
C TYR B 503 -3.37 -19.85 13.34
N THR B 504 -3.64 -18.61 13.72
CA THR B 504 -5.00 -18.18 14.07
C THR B 504 -5.28 -16.86 13.39
N THR B 505 -6.55 -16.47 13.27
CA THR B 505 -6.85 -15.20 12.61
C THR B 505 -6.51 -14.01 13.51
N ALA B 506 -6.58 -14.21 14.82
CA ALA B 506 -6.14 -13.19 15.77
C ALA B 506 -4.64 -12.89 15.63
N ALA B 507 -3.80 -13.79 16.13
CA ALA B 507 -2.36 -13.56 16.16
C ALA B 507 -1.64 -13.79 14.82
N GLN B 508 -2.21 -14.60 13.95
CA GLN B 508 -1.59 -14.85 12.64
C GLN B 508 -0.12 -15.31 12.70
N GLN B 509 0.18 -16.19 13.65
CA GLN B 509 1.55 -16.66 13.81
C GLN B 509 1.95 -17.78 12.83
N TYR B 510 3.18 -17.70 12.37
CA TYR B 510 3.77 -18.75 11.55
C TYR B 510 5.27 -18.79 11.88
N VAL B 511 5.99 -19.77 11.36
CA VAL B 511 7.40 -19.86 11.70
C VAL B 511 8.27 -19.82 10.46
N SER B 512 9.48 -19.32 10.60
CA SER B 512 10.48 -19.45 9.54
C SER B 512 11.21 -20.79 9.69
N LEU B 513 11.34 -21.52 8.59
CA LEU B 513 12.17 -22.73 8.55
C LEU B 513 13.47 -22.40 7.83
N ASN B 514 14.58 -22.51 8.55
CA ASN B 514 15.92 -22.25 8.01
C ASN B 514 16.95 -22.85 8.97
N LEU B 515 18.22 -22.51 8.78
CA LEU B 515 19.28 -23.17 9.57
C LEU B 515 19.25 -22.78 11.05
N LYS B 516 18.82 -21.56 11.34
CA LYS B 516 18.65 -21.12 12.71
C LYS B 516 17.40 -21.76 13.31
N PRO B 517 17.30 -21.76 14.64
CA PRO B 517 16.12 -22.32 15.32
C PRO B 517 14.82 -21.60 14.95
N LEU B 518 13.69 -22.30 15.08
CA LEU B 518 12.39 -21.73 14.79
C LEU B 518 12.26 -20.33 15.36
N GLU B 519 11.73 -19.43 14.55
CA GLU B 519 11.42 -18.11 15.03
C GLU B 519 9.97 -17.81 14.65
N VAL B 520 9.19 -17.32 15.62
CA VAL B 520 7.77 -17.07 15.40
C VAL B 520 7.53 -15.66 14.82
N ARG B 521 6.79 -15.59 13.73
CA ARG B 521 6.46 -14.29 13.15
C ARG B 521 4.96 -14.13 13.09
N ARG B 522 4.51 -12.92 12.82
CA ARG B 522 3.08 -12.65 12.79
C ARG B 522 2.72 -11.94 11.50
N GLY B 523 1.67 -12.42 10.86
CA GLY B 523 1.16 -11.79 9.66
C GLY B 523 1.90 -12.27 8.45
N LEU B 524 1.23 -13.06 7.62
CA LEU B 524 1.85 -13.59 6.41
C LEU B 524 1.60 -12.62 5.27
N ARG B 525 2.56 -11.73 5.01
CA ARG B 525 2.39 -10.64 4.06
C ARG B 525 1.06 -9.96 4.24
N ALA B 526 0.74 -9.55 5.47
CA ALA B 526 -0.64 -9.14 5.76
C ALA B 526 -1.12 -7.98 4.91
N GLN B 527 -0.31 -6.91 4.78
CA GLN B 527 -0.75 -5.73 4.04
C GLN B 527 -0.91 -6.04 2.57
N THR B 528 0.11 -6.69 2.01
CA THR B 528 0.10 -7.00 0.59
C THR B 528 -0.99 -8.02 0.24
N CYS B 529 -1.23 -8.99 1.12
CA CYS B 529 -2.30 -9.94 0.82
C CYS B 529 -3.70 -9.36 1.02
N ALA B 530 -3.81 -8.30 1.81
CA ALA B 530 -5.07 -7.56 1.86
C ALA B 530 -5.35 -6.91 0.49
N PHE B 531 -4.31 -6.38 -0.13
CA PHE B 531 -4.43 -5.86 -1.49
C PHE B 531 -4.99 -6.89 -2.48
N TRP B 532 -4.33 -8.05 -2.56
CA TRP B 532 -4.78 -9.13 -3.43
C TRP B 532 -6.10 -9.74 -3.00
N ASN B 533 -6.26 -10.04 -1.72
CA ASN B 533 -7.42 -10.81 -1.28
C ASN B 533 -8.68 -9.98 -1.02
N ARG B 534 -8.49 -8.71 -0.71
CA ARG B 534 -9.64 -7.89 -0.34
C ARG B 534 -9.93 -6.80 -1.35
N PHE B 535 -8.90 -6.14 -1.87
CA PHE B 535 -9.14 -5.03 -2.78
C PHE B 535 -9.29 -5.39 -4.24
N LEU B 536 -8.32 -6.11 -4.80
CA LEU B 536 -8.36 -6.42 -6.23
C LEU B 536 -9.67 -7.06 -6.72
N PRO B 537 -10.20 -8.03 -5.95
CA PRO B 537 -11.52 -8.58 -6.32
C PRO B 537 -12.55 -7.48 -6.52
N LYS B 538 -12.68 -6.56 -5.55
CA LYS B 538 -13.64 -5.47 -5.66
C LYS B 538 -13.40 -4.64 -6.90
N LEU B 539 -12.13 -4.57 -7.30
CA LEU B 539 -11.77 -3.73 -8.41
C LEU B 539 -12.19 -4.35 -9.71
N LEU B 540 -11.68 -5.56 -9.97
CA LEU B 540 -11.98 -6.27 -11.20
C LEU B 540 -13.50 -6.45 -11.41
N SER B 541 -14.23 -6.73 -10.34
CA SER B 541 -15.68 -6.88 -10.43
C SER B 541 -16.38 -5.53 -10.56
N ALA B 542 -15.84 -4.66 -11.41
CA ALA B 542 -16.35 -3.31 -11.61
C ALA B 542 -15.44 -2.59 -12.61
N THR B 543 -14.40 -1.94 -12.09
CA THR B 543 -13.41 -1.26 -12.94
C THR B 543 -14.02 -0.04 -13.66
N ALA B 544 -15.23 0.22 -13.58
O16 C56 C . -10.16 24.25 11.45
C15 C56 C . -11.19 24.62 12.01
C2 C56 C . -12.50 24.08 11.49
C3 C56 C . -13.77 24.52 11.90
O13 C56 C . -13.97 25.51 12.84
C14 C56 C . -15.27 26.10 12.90
C4 C56 C . -14.93 23.96 11.36
C5 C56 C . -14.85 22.98 10.40
N10 C56 C . -16.07 22.44 9.92
C12 C56 C . -17.36 23.06 10.19
C11 C56 C . -16.16 21.24 9.12
C6 C56 C . -13.59 22.54 10.01
N7 C56 C . -13.38 21.55 9.05
O9 C56 C . -13.41 21.95 7.73
O8 C56 C . -13.13 20.41 9.41
C1 C56 C . -12.44 23.09 10.54
N17 C56 C . -11.11 25.46 13.04
C18 C56 C . -9.82 25.96 13.52
O16 C57 D . -10.16 24.25 11.45
C15 C57 D . -11.19 24.62 12.01
C2 C57 D . -12.50 24.08 11.49
C3 C57 D . -13.77 24.52 11.90
O13 C57 D . -13.97 25.51 12.84
C14 C57 D . -15.27 26.10 12.90
C4 C57 D . -14.93 23.96 11.36
C5 C57 D . -14.85 22.98 10.40
N10 C57 D . -16.07 22.44 9.92
C12 C57 D . -17.36 23.06 10.19
C11 C57 D . -16.16 21.24 9.12
C6 C57 D . -13.59 22.54 10.01
N7 C57 D . -13.38 21.55 9.05
O9 C57 D . -13.41 21.95 7.73
O8 C57 D . -13.13 20.41 9.41
C1 C57 D . -12.44 23.09 10.54
N17 C57 D . -11.11 25.46 13.04
C18 C57 D . -9.82 25.96 13.52
C1 PEG E . 0.40 4.22 6.21
O1 PEG E . -0.03 5.25 7.12
C2 PEG E . -0.61 3.06 6.23
O2 PEG E . 0.06 1.87 6.63
C3 PEG E . -0.84 0.94 7.24
C4 PEG E . -0.04 -0.22 7.80
O4 PEG E . -0.27 -0.30 9.21
C1 PEG F . -9.80 26.62 -18.46
O1 PEG F . -8.42 26.35 -18.78
C2 PEG F . -9.85 27.59 -17.28
O2 PEG F . -11.17 27.58 -16.72
C3 PEG F . -11.62 28.89 -16.40
C4 PEG F . -13.11 29.02 -16.69
O4 PEG F . -13.30 29.94 -17.76
C1 PEG G . 1.15 9.23 16.06
O1 PEG G . 0.82 7.96 15.48
C2 PEG G . 0.03 9.68 17.00
O2 PEG G . 0.57 10.54 18.01
C3 PEG G . -0.03 10.34 19.27
C4 PEG G . 0.83 9.37 20.08
O4 PEG G . 0.64 9.66 21.47
O16 C56 H . 6.44 -24.09 -14.33
C15 C56 H . 6.93 -24.35 -15.42
C2 C56 H . 6.33 -23.68 -16.64
C3 C56 H . 6.57 -24.10 -17.95
O13 C56 H . 7.40 -25.16 -18.21
C14 C56 H . 7.43 -25.70 -19.53
C4 C56 H . 5.99 -23.45 -19.04
C5 C56 H . 5.13 -22.37 -18.85
N10 C56 H . 4.59 -21.73 -19.99
C12 C56 H . 3.96 -20.43 -19.99
C11 C56 H . 4.59 -22.36 -21.31
C6 C56 H . 4.91 -21.96 -17.54
N7 C56 H . 4.10 -20.89 -17.21
O9 C56 H . 2.92 -20.90 -17.53
O8 C56 H . 4.72 -19.86 -16.48
C1 C56 H . 5.49 -22.60 -16.45
N17 C56 H . 7.97 -25.18 -15.54
C18 C56 H . 8.86 -25.51 -14.42
C05 C56 H . 8.27 -26.52 -13.44
O16 C57 I . 6.44 -24.09 -14.33
C15 C57 I . 6.93 -24.35 -15.42
C2 C57 I . 6.33 -23.68 -16.64
C3 C57 I . 6.57 -24.10 -17.95
O13 C57 I . 7.40 -25.16 -18.21
C14 C57 I . 7.43 -25.70 -19.53
C4 C57 I . 5.99 -23.45 -19.04
C5 C57 I . 5.13 -22.37 -18.85
N10 C57 I . 4.59 -21.73 -19.99
C12 C57 I . 3.96 -20.43 -19.99
C11 C57 I . 4.59 -22.36 -21.31
C6 C57 I . 4.91 -21.96 -17.54
N7 C57 I . 4.10 -20.89 -17.21
O9 C57 I . 2.92 -20.90 -17.53
O8 C57 I . 4.72 -19.86 -16.48
C1 C57 I . 5.49 -22.60 -16.45
N17 C57 I . 7.97 -25.18 -15.54
C18 C57 I . 8.86 -25.51 -14.42
C05 C57 I . 8.27 -26.52 -13.44
C1 PEG J . -21.90 -26.81 -12.24
O1 PEG J . -21.98 -26.84 -13.67
C2 PEG J . -21.21 -25.53 -11.81
O2 PEG J . -21.04 -25.52 -10.39
C3 PEG J . -21.56 -24.35 -9.75
C4 PEG J . -22.73 -24.73 -8.85
O4 PEG J . -23.14 -23.59 -8.08
O1 PE4 K . -1.56 -1.09 1.06
C1 PE4 K . -1.99 -2.44 1.31
C2 PE4 K . -3.51 -2.57 1.14
O2 PE4 K . -3.92 -2.19 -0.18
C3 PE4 K . -5.19 -1.54 -0.17
C4 PE4 K . -5.68 -1.22 -1.59
O3 PE4 K . -4.91 -0.23 -2.29
C5 PE4 K . -5.14 -0.41 -3.69
C6 PE4 K . -4.45 0.63 -4.54
O4 PE4 K . -3.06 0.63 -4.26
C7 PE4 K . -2.32 0.84 -5.46
C8 PE4 K . -1.32 1.96 -5.25
O5 PE4 K . -0.47 1.65 -4.15
C9 PE4 K . 0.22 2.81 -3.70
C10 PE4 K . 1.43 2.41 -2.86
O6 PE4 K . 1.00 1.82 -1.64
C11 PE4 K . 1.30 0.43 -1.64
C12 PE4 K . 2.45 0.15 -0.68
O7 PE4 K . 2.73 -1.26 -0.66
C13 PE4 K . 3.57 -1.63 0.42
C14 PE4 K . 2.97 -2.84 1.15
O8 PE4 K . 3.96 -3.38 2.03
C15 PE4 K . 3.64 -3.17 3.41
C1 PEG L . 8.26 -1.05 0.32
O1 PEG L . 9.53 -0.57 0.75
C2 PEG L . 8.24 -1.07 -1.20
O2 PEG L . 6.98 -1.59 -1.64
C3 PEG L . 7.08 -2.92 -2.14
C4 PEG L . 5.95 -3.78 -1.59
O4 PEG L . 6.03 -5.06 -2.22
#